data_7LZL
#
_entry.id   7LZL
#
_entity_poly.entity_id   1
_entity_poly.type   'polypeptide(L)'
_entity_poly.pdbx_seq_one_letter_code
;GNSWLCVRRGGNCRFGRCQFAERQIGRCSAFQPCCGR
;
_entity_poly.pdbx_strand_id   A
#
# COMPACT_ATOMS: atom_id res chain seq x y z
N GLY A 1 1.73 1.59 -9.06
CA GLY A 1 1.25 0.29 -9.49
C GLY A 1 -0.24 0.24 -9.48
N ASN A 2 -0.78 -0.94 -9.40
CA ASN A 2 -2.21 -1.16 -9.39
C ASN A 2 -2.66 -1.50 -7.98
N SER A 3 -3.73 -0.85 -7.53
CA SER A 3 -4.24 -1.00 -6.19
C SER A 3 -4.70 -2.44 -5.93
N TRP A 4 -5.43 -3.01 -6.87
CA TRP A 4 -6.00 -4.33 -6.69
C TRP A 4 -4.92 -5.39 -6.54
N LEU A 5 -3.82 -5.25 -7.26
CA LEU A 5 -2.70 -6.19 -7.14
C LEU A 5 -2.22 -6.21 -5.69
N CYS A 6 -2.07 -5.04 -5.13
CA CYS A 6 -1.61 -4.88 -3.78
C CYS A 6 -2.63 -5.43 -2.77
N VAL A 7 -3.89 -5.09 -2.99
CA VAL A 7 -4.98 -5.53 -2.10
C VAL A 7 -5.15 -7.05 -2.16
N ARG A 8 -5.01 -7.61 -3.35
CA ARG A 8 -5.15 -9.05 -3.55
C ARG A 8 -3.95 -9.80 -2.96
N ARG A 9 -2.79 -9.14 -2.92
CA ARG A 9 -1.61 -9.70 -2.24
C ARG A 9 -1.86 -9.73 -0.74
N GLY A 10 -2.68 -8.81 -0.29
CA GLY A 10 -3.03 -8.75 1.10
C GLY A 10 -2.61 -7.45 1.71
N GLY A 11 -2.15 -6.53 0.89
CA GLY A 11 -1.73 -5.25 1.37
C GLY A 11 -2.88 -4.28 1.44
N ASN A 12 -2.66 -3.17 2.09
CA ASN A 12 -3.67 -2.14 2.25
C ASN A 12 -3.14 -0.84 1.68
N CYS A 13 -4.00 -0.08 1.08
CA CYS A 13 -3.63 1.20 0.54
C CYS A 13 -4.01 2.28 1.55
N ARG A 14 -3.03 2.89 2.17
CA ARG A 14 -3.33 3.91 3.18
C ARG A 14 -3.18 5.30 2.58
N PHE A 15 -3.56 6.33 3.31
CA PHE A 15 -3.44 7.70 2.83
C PHE A 15 -2.08 8.27 3.17
N GLY A 16 -1.33 8.61 2.15
CA GLY A 16 -0.05 9.24 2.31
C GLY A 16 1.05 8.26 2.64
N ARG A 17 1.07 7.81 3.86
CA ARG A 17 2.11 6.93 4.34
C ARG A 17 1.49 5.80 5.13
N CYS A 18 2.32 4.93 5.61
CA CYS A 18 1.88 3.81 6.38
C CYS A 18 2.63 3.82 7.70
N GLN A 19 2.41 2.85 8.55
CA GLN A 19 3.09 2.77 9.81
C GLN A 19 4.50 2.29 9.61
N PHE A 20 5.37 2.62 10.54
CA PHE A 20 6.77 2.21 10.47
C PHE A 20 6.89 0.71 10.73
N ALA A 21 5.89 0.15 11.41
CA ALA A 21 5.84 -1.28 11.70
C ALA A 21 5.28 -2.04 10.51
N GLU A 22 5.06 -1.33 9.43
CA GLU A 22 4.54 -1.87 8.20
C GLU A 22 5.45 -1.33 7.09
N ARG A 23 5.31 -1.83 5.87
CA ARG A 23 6.23 -1.40 4.80
C ARG A 23 5.51 -1.10 3.51
N GLN A 24 6.00 -0.13 2.79
CA GLN A 24 5.46 0.21 1.50
C GLN A 24 5.96 -0.81 0.47
N ILE A 25 5.06 -1.59 -0.07
CA ILE A 25 5.42 -2.61 -1.06
C ILE A 25 5.16 -2.10 -2.47
N GLY A 26 4.49 -0.98 -2.56
CA GLY A 26 4.24 -0.36 -3.84
C GLY A 26 3.39 0.85 -3.66
N ARG A 27 2.75 1.30 -4.70
CA ARG A 27 1.86 2.44 -4.63
C ARG A 27 0.57 2.14 -5.37
N CYS A 28 -0.54 2.32 -4.69
CA CYS A 28 -1.85 2.05 -5.24
C CYS A 28 -2.27 3.22 -6.09
N SER A 29 -1.97 4.39 -5.60
CA SER A 29 -2.34 5.61 -6.23
C SER A 29 -1.29 6.64 -5.84
N ALA A 30 -1.44 7.86 -6.33
CA ALA A 30 -0.49 8.92 -6.08
C ALA A 30 -0.36 9.22 -4.59
N PHE A 31 -1.47 9.31 -3.91
CA PHE A 31 -1.48 9.65 -2.51
C PHE A 31 -1.78 8.40 -1.64
N GLN A 32 -1.74 7.22 -2.25
CA GLN A 32 -2.01 6.00 -1.50
C GLN A 32 -1.02 4.90 -1.80
N PRO A 33 -0.08 4.65 -0.89
CA PRO A 33 0.89 3.59 -1.07
C PRO A 33 0.34 2.20 -0.69
N CYS A 34 0.85 1.17 -1.37
CA CYS A 34 0.52 -0.20 -1.08
C CYS A 34 1.33 -0.59 0.12
N CYS A 35 0.70 -0.79 1.21
CA CYS A 35 1.40 -1.12 2.40
C CYS A 35 1.22 -2.58 2.76
N GLY A 36 2.33 -3.25 2.93
CA GLY A 36 2.37 -4.62 3.33
C GLY A 36 2.51 -4.65 4.82
N ARG A 37 1.59 -5.28 5.46
CA ARG A 37 1.49 -5.27 6.89
C ARG A 37 1.84 -6.63 7.44
N GLY A 1 -0.38 0.59 -12.51
CA GLY A 1 -0.63 0.70 -11.08
C GLY A 1 -0.13 -0.53 -10.38
N ASN A 2 -0.40 -0.62 -9.10
CA ASN A 2 0.04 -1.75 -8.31
C ASN A 2 -1.16 -2.49 -7.77
N SER A 3 -2.31 -2.25 -8.38
CA SER A 3 -3.61 -2.77 -7.94
C SER A 3 -3.59 -4.29 -7.68
N TRP A 4 -2.96 -5.06 -8.54
CA TRP A 4 -2.91 -6.50 -8.37
C TRP A 4 -2.06 -6.86 -7.15
N LEU A 5 -0.88 -6.26 -7.04
CA LEU A 5 0.04 -6.54 -5.94
C LEU A 5 -0.60 -6.21 -4.59
N CYS A 6 -1.19 -5.03 -4.54
CA CYS A 6 -1.81 -4.50 -3.33
C CYS A 6 -2.96 -5.41 -2.86
N VAL A 7 -3.79 -5.83 -3.80
CA VAL A 7 -4.94 -6.65 -3.48
C VAL A 7 -4.56 -8.11 -3.22
N ARG A 8 -3.56 -8.63 -3.92
CA ARG A 8 -3.14 -10.01 -3.72
C ARG A 8 -2.57 -10.18 -2.33
N ARG A 9 -1.75 -9.23 -1.91
CA ARG A 9 -1.17 -9.26 -0.59
C ARG A 9 -2.22 -8.97 0.46
N GLY A 10 -3.18 -8.14 0.09
CA GLY A 10 -4.24 -7.80 0.99
C GLY A 10 -3.85 -6.66 1.87
N GLY A 11 -3.36 -5.61 1.25
CA GLY A 11 -2.93 -4.46 2.00
C GLY A 11 -4.00 -3.40 2.06
N ASN A 12 -3.70 -2.33 2.73
CA ASN A 12 -4.62 -1.23 2.88
C ASN A 12 -3.96 0.02 2.39
N CYS A 13 -4.73 0.92 1.85
CA CYS A 13 -4.22 2.18 1.37
C CYS A 13 -4.28 3.19 2.50
N ARG A 14 -3.16 3.82 2.80
CA ARG A 14 -3.15 4.86 3.82
C ARG A 14 -2.98 6.21 3.18
N PHE A 15 -3.31 7.23 3.91
CA PHE A 15 -3.17 8.59 3.42
C PHE A 15 -1.81 9.12 3.80
N GLY A 16 -1.03 9.48 2.81
CA GLY A 16 0.28 10.03 3.06
C GLY A 16 1.33 8.96 3.07
N ARG A 17 1.74 8.56 4.25
CA ARG A 17 2.75 7.53 4.40
C ARG A 17 2.15 6.41 5.22
N CYS A 18 2.89 5.38 5.43
CA CYS A 18 2.44 4.30 6.28
C CYS A 18 3.35 4.24 7.48
N GLN A 19 3.27 3.19 8.24
CA GLN A 19 4.11 3.04 9.40
C GLN A 19 5.32 2.21 9.00
N PHE A 20 6.42 2.38 9.71
CA PHE A 20 7.64 1.65 9.43
C PHE A 20 7.49 0.18 9.82
N ALA A 21 6.51 -0.09 10.66
CA ALA A 21 6.20 -1.45 11.09
C ALA A 21 5.41 -2.18 10.01
N GLU A 22 4.91 -1.44 9.06
CA GLU A 22 4.14 -1.99 8.00
C GLU A 22 4.95 -1.93 6.72
N ARG A 23 4.74 -2.84 5.82
CA ARG A 23 5.53 -2.86 4.62
C ARG A 23 4.77 -2.27 3.43
N GLN A 24 5.42 -1.36 2.77
CA GLN A 24 4.89 -0.71 1.60
C GLN A 24 4.97 -1.70 0.45
N ILE A 25 3.84 -2.10 -0.04
CA ILE A 25 3.78 -3.10 -1.10
C ILE A 25 3.48 -2.47 -2.45
N GLY A 26 3.15 -1.19 -2.45
CA GLY A 26 2.94 -0.52 -3.71
C GLY A 26 2.28 0.82 -3.55
N ARG A 27 1.62 1.27 -4.58
CA ARG A 27 0.92 2.53 -4.57
C ARG A 27 -0.47 2.36 -5.14
N CYS A 28 -1.47 2.74 -4.36
CA CYS A 28 -2.84 2.69 -4.79
C CYS A 28 -3.05 3.85 -5.74
N SER A 29 -2.54 4.98 -5.32
CA SER A 29 -2.57 6.20 -6.05
C SER A 29 -1.40 7.04 -5.55
N ALA A 30 -1.23 8.23 -6.10
CA ALA A 30 -0.10 9.09 -5.76
C ALA A 30 -0.06 9.47 -4.29
N PHE A 31 -1.20 9.77 -3.71
CA PHE A 31 -1.24 10.21 -2.31
C PHE A 31 -1.65 9.09 -1.35
N GLN A 32 -1.71 7.86 -1.85
CA GLN A 32 -2.08 6.72 -1.02
C GLN A 32 -1.27 5.49 -1.38
N PRO A 33 -0.26 5.15 -0.57
CA PRO A 33 0.54 3.96 -0.79
C PRO A 33 -0.14 2.68 -0.27
N CYS A 34 0.11 1.58 -0.95
CA CYS A 34 -0.40 0.29 -0.55
C CYS A 34 0.48 -0.19 0.55
N CYS A 35 -0.09 -0.38 1.68
CA CYS A 35 0.65 -0.79 2.80
C CYS A 35 0.08 -2.08 3.33
N GLY A 36 0.87 -3.10 3.38
CA GLY A 36 0.39 -4.39 3.79
C GLY A 36 1.42 -5.13 4.59
N ARG A 37 1.47 -6.43 4.38
CA ARG A 37 2.44 -7.26 5.04
C ARG A 37 3.35 -7.87 4.02
N GLY A 1 -3.31 1.85 -9.19
CA GLY A 1 -1.85 1.77 -9.21
C GLY A 1 -1.40 0.34 -9.30
N ASN A 2 -0.72 -0.12 -8.27
CA ASN A 2 -0.27 -1.52 -8.18
C ASN A 2 -1.37 -2.32 -7.54
N SER A 3 -2.55 -1.78 -7.55
CA SER A 3 -3.74 -2.25 -6.91
C SER A 3 -4.00 -3.75 -7.13
N TRP A 4 -3.81 -4.24 -8.36
CA TRP A 4 -4.05 -5.66 -8.67
C TRP A 4 -3.11 -6.55 -7.86
N LEU A 5 -1.92 -6.06 -7.64
CA LEU A 5 -0.91 -6.79 -6.91
C LEU A 5 -1.15 -6.58 -5.42
N CYS A 6 -1.42 -5.35 -5.05
CA CYS A 6 -1.64 -4.95 -3.67
C CYS A 6 -2.82 -5.67 -3.04
N VAL A 7 -3.92 -5.77 -3.77
CA VAL A 7 -5.12 -6.43 -3.27
C VAL A 7 -4.88 -7.93 -3.11
N ARG A 8 -4.03 -8.51 -3.97
CA ARG A 8 -3.69 -9.92 -3.88
C ARG A 8 -2.85 -10.18 -2.62
N ARG A 9 -2.08 -9.19 -2.22
CA ARG A 9 -1.29 -9.26 -1.01
C ARG A 9 -2.12 -8.86 0.20
N GLY A 10 -3.28 -8.30 -0.06
CA GLY A 10 -4.15 -7.85 1.00
C GLY A 10 -3.65 -6.56 1.60
N GLY A 11 -2.91 -5.83 0.80
CA GLY A 11 -2.32 -4.60 1.21
C GLY A 11 -3.34 -3.52 1.41
N ASN A 12 -3.08 -2.67 2.35
CA ASN A 12 -3.98 -1.61 2.70
C ASN A 12 -3.43 -0.33 2.17
N CYS A 13 -4.27 0.49 1.67
CA CYS A 13 -3.85 1.75 1.12
C CYS A 13 -3.94 2.81 2.19
N ARG A 14 -2.80 3.23 2.69
CA ARG A 14 -2.83 4.28 3.69
C ARG A 14 -2.73 5.61 3.03
N PHE A 15 -3.03 6.64 3.76
CA PHE A 15 -3.00 7.96 3.22
C PHE A 15 -1.63 8.58 3.44
N GLY A 16 -0.98 8.90 2.35
CA GLY A 16 0.30 9.56 2.39
C GLY A 16 1.42 8.58 2.42
N ARG A 17 1.66 8.03 3.56
CA ARG A 17 2.73 7.10 3.81
C ARG A 17 2.18 6.01 4.70
N CYS A 18 2.95 5.00 4.95
CA CYS A 18 2.52 4.00 5.88
C CYS A 18 3.44 4.03 7.07
N GLN A 19 3.06 3.33 8.11
CA GLN A 19 3.83 3.26 9.32
C GLN A 19 4.99 2.28 9.13
N PHE A 20 6.07 2.49 9.86
CA PHE A 20 7.27 1.61 9.73
C PHE A 20 7.01 0.20 10.30
N ALA A 21 6.00 0.10 11.13
CA ALA A 21 5.58 -1.20 11.67
C ALA A 21 4.94 -2.04 10.56
N GLU A 22 4.68 -1.39 9.47
CA GLU A 22 4.08 -1.95 8.31
C GLU A 22 5.07 -1.74 7.16
N ARG A 23 4.75 -2.15 5.97
CA ARG A 23 5.73 -2.00 4.93
C ARG A 23 5.08 -1.59 3.62
N GLN A 24 5.60 -0.55 3.02
CA GLN A 24 5.10 -0.05 1.76
C GLN A 24 5.60 -0.93 0.63
N ILE A 25 4.69 -1.62 -0.02
CA ILE A 25 5.05 -2.59 -1.04
C ILE A 25 4.66 -2.13 -2.45
N GLY A 26 3.83 -1.10 -2.54
CA GLY A 26 3.42 -0.61 -3.85
C GLY A 26 2.74 0.72 -3.75
N ARG A 27 2.11 1.17 -4.80
CA ARG A 27 1.37 2.43 -4.78
C ARG A 27 -0.07 2.18 -5.20
N CYS A 28 -1.02 2.62 -4.40
CA CYS A 28 -2.43 2.47 -4.75
C CYS A 28 -2.82 3.61 -5.64
N SER A 29 -2.40 4.79 -5.26
CA SER A 29 -2.64 6.00 -5.97
C SER A 29 -1.50 6.97 -5.70
N ALA A 30 -1.58 8.18 -6.25
CA ALA A 30 -0.52 9.17 -6.13
C ALA A 30 -0.22 9.55 -4.69
N PHE A 31 -1.24 9.60 -3.86
CA PHE A 31 -1.07 10.00 -2.47
C PHE A 31 -1.42 8.87 -1.52
N GLN A 32 -1.51 7.66 -2.03
CA GLN A 32 -1.85 6.49 -1.20
C GLN A 32 -0.97 5.31 -1.59
N PRO A 33 -0.02 4.90 -0.74
CA PRO A 33 0.80 3.74 -1.00
C PRO A 33 0.18 2.41 -0.48
N CYS A 34 0.52 1.32 -1.14
CA CYS A 34 0.07 0.00 -0.74
C CYS A 34 0.93 -0.44 0.39
N CYS A 35 0.34 -0.65 1.50
CA CYS A 35 1.05 -1.04 2.66
C CYS A 35 0.68 -2.47 3.00
N GLY A 36 1.68 -3.31 3.10
CA GLY A 36 1.49 -4.68 3.39
C GLY A 36 1.86 -5.01 4.81
N ARG A 37 1.15 -5.92 5.38
CA ARG A 37 1.34 -6.34 6.73
C ARG A 37 1.69 -7.81 6.73
N GLY A 1 -1.65 2.77 -10.92
CA GLY A 1 -1.86 2.17 -9.62
C GLY A 1 -1.71 0.68 -9.67
N ASN A 2 -1.26 0.09 -8.60
CA ASN A 2 -1.09 -1.36 -8.52
C ASN A 2 -1.99 -1.92 -7.46
N SER A 3 -3.06 -1.19 -7.20
CA SER A 3 -4.04 -1.47 -6.17
C SER A 3 -4.50 -2.94 -6.15
N TRP A 4 -4.87 -3.50 -7.32
CA TRP A 4 -5.34 -4.88 -7.38
C TRP A 4 -4.26 -5.86 -6.94
N LEU A 5 -3.04 -5.61 -7.37
CA LEU A 5 -1.91 -6.44 -7.00
C LEU A 5 -1.71 -6.39 -5.51
N CYS A 6 -1.85 -5.21 -4.96
CA CYS A 6 -1.71 -5.00 -3.55
C CYS A 6 -2.81 -5.73 -2.78
N VAL A 7 -4.04 -5.71 -3.31
CA VAL A 7 -5.16 -6.43 -2.72
C VAL A 7 -4.87 -7.93 -2.71
N ARG A 8 -4.40 -8.44 -3.83
CA ARG A 8 -4.10 -9.85 -4.02
C ARG A 8 -2.94 -10.29 -3.10
N ARG A 9 -1.97 -9.42 -2.90
CA ARG A 9 -0.81 -9.71 -2.06
C ARG A 9 -1.13 -9.55 -0.57
N GLY A 10 -2.23 -8.90 -0.27
CA GLY A 10 -2.63 -8.72 1.10
C GLY A 10 -2.07 -7.45 1.69
N GLY A 11 -2.30 -6.37 1.02
CA GLY A 11 -1.90 -5.09 1.49
C GLY A 11 -3.02 -4.11 1.31
N ASN A 12 -2.97 -3.03 2.03
CA ASN A 12 -4.03 -2.04 1.98
C ASN A 12 -3.46 -0.74 1.49
N CYS A 13 -4.30 0.21 1.21
CA CYS A 13 -3.85 1.49 0.75
C CYS A 13 -3.96 2.49 1.87
N ARG A 14 -2.95 3.29 2.06
CA ARG A 14 -3.01 4.31 3.07
C ARG A 14 -2.85 5.66 2.45
N PHE A 15 -3.31 6.66 3.13
CA PHE A 15 -3.24 8.00 2.66
C PHE A 15 -1.95 8.67 3.12
N GLY A 16 -1.07 8.96 2.18
CA GLY A 16 0.16 9.63 2.48
C GLY A 16 1.26 8.71 2.94
N ARG A 17 1.23 8.36 4.20
CA ARG A 17 2.27 7.54 4.80
C ARG A 17 1.67 6.33 5.49
N CYS A 18 2.52 5.49 6.01
CA CYS A 18 2.11 4.29 6.66
C CYS A 18 2.90 4.18 7.94
N GLN A 19 2.59 3.20 8.75
CA GLN A 19 3.30 2.97 9.97
C GLN A 19 4.65 2.36 9.66
N PHE A 20 5.61 2.55 10.53
CA PHE A 20 6.96 2.03 10.36
C PHE A 20 6.94 0.52 10.56
N ALA A 21 5.96 0.06 11.30
CA ALA A 21 5.76 -1.35 11.58
C ALA A 21 5.12 -2.06 10.38
N GLU A 22 4.88 -1.30 9.33
CA GLU A 22 4.29 -1.81 8.12
C GLU A 22 5.25 -1.56 6.98
N ARG A 23 5.07 -2.24 5.88
CA ARG A 23 5.96 -2.11 4.76
C ARG A 23 5.21 -1.74 3.49
N GLN A 24 5.78 -0.83 2.75
CA GLN A 24 5.20 -0.37 1.51
C GLN A 24 5.48 -1.40 0.42
N ILE A 25 4.44 -2.07 0.00
CA ILE A 25 4.57 -3.13 -0.97
C ILE A 25 4.34 -2.63 -2.39
N GLY A 26 3.83 -1.42 -2.51
CA GLY A 26 3.59 -0.84 -3.82
C GLY A 26 2.87 0.47 -3.70
N ARG A 27 2.23 0.92 -4.77
CA ARG A 27 1.47 2.16 -4.72
C ARG A 27 0.11 1.98 -5.39
N CYS A 28 -0.93 2.41 -4.70
CA CYS A 28 -2.29 2.34 -5.19
C CYS A 28 -2.55 3.55 -6.08
N SER A 29 -2.01 4.66 -5.68
CA SER A 29 -2.13 5.91 -6.38
C SER A 29 -0.96 6.80 -5.99
N ALA A 30 -0.91 8.00 -6.53
CA ALA A 30 0.17 8.94 -6.28
C ALA A 30 0.36 9.21 -4.79
N PHE A 31 -0.69 9.56 -4.12
CA PHE A 31 -0.62 9.91 -2.70
C PHE A 31 -1.16 8.77 -1.84
N GLN A 32 -1.28 7.60 -2.42
CA GLN A 32 -1.81 6.44 -1.69
C GLN A 32 -0.93 5.22 -1.94
N PRO A 33 0.06 4.96 -1.08
CA PRO A 33 0.91 3.80 -1.23
C PRO A 33 0.25 2.51 -0.69
N CYS A 34 0.63 1.38 -1.25
CA CYS A 34 0.16 0.08 -0.80
C CYS A 34 1.03 -0.30 0.34
N CYS A 35 0.45 -0.51 1.46
CA CYS A 35 1.19 -0.85 2.62
C CYS A 35 0.59 -2.09 3.24
N GLY A 36 1.43 -2.96 3.71
CA GLY A 36 0.98 -4.17 4.31
C GLY A 36 1.96 -4.66 5.31
N ARG A 37 1.64 -5.74 5.97
CA ARG A 37 2.50 -6.31 6.95
C ARG A 37 2.35 -7.83 6.95
N GLY A 1 -2.64 3.20 -10.77
CA GLY A 1 -1.99 2.60 -9.60
C GLY A 1 -1.76 1.12 -9.80
N ASN A 2 -1.35 0.44 -8.75
CA ASN A 2 -1.06 -0.98 -8.79
C ASN A 2 -1.94 -1.71 -7.81
N SER A 3 -3.14 -1.17 -7.63
CA SER A 3 -4.13 -1.66 -6.67
C SER A 3 -4.34 -3.18 -6.71
N TRP A 4 -4.40 -3.78 -7.88
CA TRP A 4 -4.71 -5.19 -8.00
C TRP A 4 -3.55 -6.06 -7.57
N LEU A 5 -2.35 -5.53 -7.69
CA LEU A 5 -1.17 -6.22 -7.22
C LEU A 5 -1.15 -6.16 -5.71
N CYS A 6 -1.64 -5.05 -5.18
CA CYS A 6 -1.75 -4.83 -3.75
C CYS A 6 -2.80 -5.77 -3.17
N VAL A 7 -3.84 -6.03 -3.95
CA VAL A 7 -4.89 -6.99 -3.60
C VAL A 7 -4.28 -8.38 -3.47
N ARG A 8 -3.38 -8.69 -4.39
CA ARG A 8 -2.69 -9.96 -4.41
C ARG A 8 -1.76 -10.11 -3.20
N ARG A 9 -1.14 -9.00 -2.81
CA ARG A 9 -0.25 -8.96 -1.65
C ARG A 9 -1.03 -8.99 -0.34
N GLY A 10 -2.21 -8.43 -0.36
CA GLY A 10 -3.00 -8.33 0.84
C GLY A 10 -2.65 -7.08 1.60
N GLY A 11 -2.56 -5.97 0.88
CA GLY A 11 -2.21 -4.73 1.49
C GLY A 11 -3.32 -3.72 1.41
N ASN A 12 -3.32 -2.78 2.32
CA ASN A 12 -4.35 -1.75 2.37
C ASN A 12 -3.71 -0.44 1.97
N CYS A 13 -4.51 0.53 1.68
CA CYS A 13 -3.98 1.82 1.28
C CYS A 13 -3.71 2.69 2.50
N ARG A 14 -2.69 3.51 2.41
CA ARG A 14 -2.33 4.44 3.45
C ARG A 14 -2.33 5.82 2.88
N PHE A 15 -2.55 6.81 3.68
CA PHE A 15 -2.54 8.17 3.19
C PHE A 15 -1.14 8.77 3.33
N GLY A 16 -0.48 8.98 2.20
CA GLY A 16 0.84 9.57 2.21
C GLY A 16 1.91 8.52 2.44
N ARG A 17 2.11 8.17 3.67
CA ARG A 17 3.08 7.17 4.07
C ARG A 17 2.38 6.12 4.87
N CYS A 18 3.09 5.11 5.27
CA CYS A 18 2.52 4.09 6.10
C CYS A 18 3.20 4.17 7.45
N GLN A 19 2.78 3.33 8.36
CA GLN A 19 3.42 3.25 9.64
C GLN A 19 4.73 2.53 9.47
N PHE A 20 5.72 2.87 10.25
CA PHE A 20 7.04 2.27 10.15
C PHE A 20 6.99 0.79 10.53
N ALA A 21 5.99 0.44 11.33
CA ALA A 21 5.79 -0.94 11.74
C ALA A 21 5.15 -1.78 10.61
N GLU A 22 4.74 -1.12 9.55
CA GLU A 22 4.13 -1.79 8.42
C GLU A 22 5.04 -1.70 7.20
N ARG A 23 4.70 -2.39 6.12
CA ARG A 23 5.55 -2.40 4.94
C ARG A 23 4.80 -1.96 3.67
N GLN A 24 5.34 -0.99 2.99
CA GLN A 24 4.76 -0.53 1.74
C GLN A 24 5.17 -1.50 0.63
N ILE A 25 4.20 -2.13 0.05
CA ILE A 25 4.45 -3.12 -0.97
C ILE A 25 3.92 -2.73 -2.35
N GLY A 26 3.26 -1.60 -2.43
CA GLY A 26 2.79 -1.13 -3.71
C GLY A 26 2.23 0.25 -3.60
N ARG A 27 1.51 0.69 -4.61
CA ARG A 27 0.88 2.00 -4.61
C ARG A 27 -0.53 1.91 -5.16
N CYS A 28 -1.51 2.30 -4.35
CA CYS A 28 -2.91 2.27 -4.76
C CYS A 28 -3.14 3.40 -5.73
N SER A 29 -2.61 4.53 -5.36
CA SER A 29 -2.73 5.72 -6.13
C SER A 29 -1.46 6.51 -5.88
N ALA A 30 -1.33 7.65 -6.49
CA ALA A 30 -0.15 8.47 -6.41
C ALA A 30 0.21 8.89 -4.98
N PHE A 31 -0.77 9.24 -4.19
CA PHE A 31 -0.53 9.68 -2.81
C PHE A 31 -1.01 8.66 -1.80
N GLN A 32 -1.29 7.45 -2.26
CA GLN A 32 -1.74 6.39 -1.39
C GLN A 32 -0.99 5.10 -1.66
N PRO A 33 0.03 4.79 -0.86
CA PRO A 33 0.78 3.56 -1.00
C PRO A 33 0.05 2.36 -0.41
N CYS A 34 0.31 1.21 -0.97
CA CYS A 34 -0.24 -0.04 -0.50
C CYS A 34 0.66 -0.56 0.55
N CYS A 35 0.15 -0.69 1.71
CA CYS A 35 0.93 -1.10 2.80
C CYS A 35 0.27 -2.25 3.52
N GLY A 36 1.06 -3.19 3.93
CA GLY A 36 0.57 -4.32 4.63
C GLY A 36 1.66 -4.91 5.45
N ARG A 37 1.32 -5.79 6.32
CA ARG A 37 2.29 -6.44 7.14
C ARG A 37 1.95 -7.91 7.22
N GLY A 1 3.57 -1.80 -9.52
CA GLY A 1 2.87 -1.65 -8.24
C GLY A 1 1.37 -1.59 -8.44
N ASN A 2 0.83 -2.62 -9.07
CA ASN A 2 -0.60 -2.71 -9.37
C ASN A 2 -1.44 -2.85 -8.10
N SER A 3 -2.44 -1.99 -7.96
CA SER A 3 -3.29 -1.92 -6.79
C SER A 3 -4.08 -3.23 -6.57
N TRP A 4 -4.35 -3.94 -7.66
CA TRP A 4 -5.05 -5.23 -7.59
C TRP A 4 -4.16 -6.22 -6.83
N LEU A 5 -2.86 -6.08 -7.00
CA LEU A 5 -1.89 -6.95 -6.37
C LEU A 5 -1.71 -6.55 -4.91
N CYS A 6 -1.96 -5.29 -4.61
CA CYS A 6 -1.89 -4.78 -3.25
C CYS A 6 -2.90 -5.52 -2.38
N VAL A 7 -4.11 -5.62 -2.89
CA VAL A 7 -5.18 -6.31 -2.19
C VAL A 7 -4.89 -7.81 -2.11
N ARG A 8 -4.24 -8.32 -3.16
CA ARG A 8 -3.87 -9.73 -3.27
C ARG A 8 -2.83 -10.13 -2.22
N ARG A 9 -1.88 -9.26 -1.98
CA ARG A 9 -0.81 -9.52 -1.02
C ARG A 9 -1.25 -9.21 0.40
N GLY A 10 -2.09 -8.24 0.54
CA GLY A 10 -2.53 -7.84 1.85
C GLY A 10 -1.95 -6.51 2.22
N GLY A 11 -2.32 -5.52 1.44
CA GLY A 11 -1.89 -4.20 1.67
C GLY A 11 -3.02 -3.27 1.46
N ASN A 12 -3.04 -2.20 2.19
CA ASN A 12 -4.12 -1.23 2.12
C ASN A 12 -3.56 0.09 1.70
N CYS A 13 -4.41 0.96 1.25
CA CYS A 13 -4.00 2.26 0.81
C CYS A 13 -3.90 3.20 2.01
N ARG A 14 -2.72 3.76 2.23
CA ARG A 14 -2.47 4.63 3.38
C ARG A 14 -2.38 6.08 2.93
N PHE A 15 -2.85 6.97 3.76
CA PHE A 15 -2.73 8.40 3.50
C PHE A 15 -1.44 8.92 4.13
N GLY A 16 -0.49 9.28 3.30
CA GLY A 16 0.74 9.82 3.80
C GLY A 16 1.69 8.75 4.29
N ARG A 17 1.85 8.69 5.58
CA ARG A 17 2.73 7.73 6.21
C ARG A 17 1.98 6.43 6.47
N CYS A 18 2.68 5.47 7.01
CA CYS A 18 2.10 4.19 7.30
C CYS A 18 2.61 3.77 8.68
N GLN A 19 2.58 2.51 9.01
CA GLN A 19 3.13 2.03 10.26
C GLN A 19 4.48 1.39 9.99
N PHE A 20 5.27 1.18 11.02
CA PHE A 20 6.63 0.67 10.84
C PHE A 20 6.64 -0.81 10.41
N ALA A 21 5.64 -1.55 10.85
CA ALA A 21 5.52 -2.97 10.51
C ALA A 21 4.89 -3.16 9.14
N GLU A 22 4.58 -2.06 8.48
CA GLU A 22 3.99 -2.10 7.19
C GLU A 22 4.97 -1.52 6.18
N ARG A 23 4.86 -1.92 4.94
CA ARG A 23 5.77 -1.49 3.90
C ARG A 23 4.98 -1.10 2.67
N GLN A 24 5.38 -0.03 2.02
CA GLN A 24 4.73 0.39 0.81
C GLN A 24 5.23 -0.48 -0.32
N ILE A 25 4.37 -1.33 -0.81
CA ILE A 25 4.75 -2.27 -1.84
C ILE A 25 4.16 -1.93 -3.21
N GLY A 26 3.19 -1.04 -3.22
CA GLY A 26 2.57 -0.65 -4.47
C GLY A 26 2.01 0.73 -4.36
N ARG A 27 1.19 1.14 -5.31
CA ARG A 27 0.57 2.46 -5.25
C ARG A 27 -0.88 2.34 -5.69
N CYS A 28 -1.78 2.82 -4.87
CA CYS A 28 -3.20 2.81 -5.19
C CYS A 28 -3.50 4.01 -6.07
N SER A 29 -2.81 5.08 -5.77
CA SER A 29 -2.92 6.31 -6.48
C SER A 29 -1.71 7.13 -6.15
N ALA A 30 -1.56 8.28 -6.76
CA ALA A 30 -0.46 9.18 -6.45
C ALA A 30 -0.61 9.77 -5.04
N PHE A 31 -1.80 9.62 -4.48
CA PHE A 31 -2.10 10.15 -3.18
C PHE A 31 -2.08 9.07 -2.12
N GLN A 32 -2.14 7.81 -2.51
CA GLN A 32 -2.20 6.72 -1.54
C GLN A 32 -1.35 5.53 -2.00
N PRO A 33 -0.25 5.24 -1.31
CA PRO A 33 0.56 4.08 -1.60
C PRO A 33 -0.02 2.82 -0.95
N CYS A 34 0.20 1.67 -1.57
CA CYS A 34 -0.23 0.41 -1.02
C CYS A 34 0.75 0.02 0.03
N CYS A 35 0.33 0.02 1.23
CA CYS A 35 1.18 -0.32 2.33
C CYS A 35 0.66 -1.59 2.94
N GLY A 36 1.45 -2.62 2.90
CA GLY A 36 1.01 -3.90 3.36
C GLY A 36 1.97 -4.56 4.26
N ARG A 37 1.58 -5.70 4.76
CA ARG A 37 2.34 -6.45 5.70
C ARG A 37 2.80 -7.72 5.03
N GLY A 1 -3.31 0.77 -12.47
CA GLY A 1 -2.92 0.90 -11.08
C GLY A 1 -2.32 -0.39 -10.56
N ASN A 2 -1.43 -0.29 -9.61
CA ASN A 2 -0.75 -1.47 -9.04
C ASN A 2 -1.60 -2.06 -7.91
N SER A 3 -2.68 -1.35 -7.57
CA SER A 3 -3.63 -1.68 -6.51
C SER A 3 -4.12 -3.16 -6.60
N TRP A 4 -4.26 -3.66 -7.82
CA TRP A 4 -4.72 -5.03 -8.07
C TRP A 4 -3.76 -6.05 -7.44
N LEU A 5 -2.49 -5.74 -7.49
CA LEU A 5 -1.49 -6.61 -6.93
C LEU A 5 -1.44 -6.41 -5.44
N CYS A 6 -1.66 -5.19 -5.02
CA CYS A 6 -1.66 -4.80 -3.62
C CYS A 6 -2.64 -5.62 -2.81
N VAL A 7 -3.85 -5.80 -3.31
CA VAL A 7 -4.88 -6.56 -2.62
C VAL A 7 -4.44 -8.01 -2.41
N ARG A 8 -3.80 -8.56 -3.42
CA ARG A 8 -3.34 -9.94 -3.38
C ARG A 8 -2.12 -10.07 -2.44
N ARG A 9 -1.33 -9.00 -2.35
CA ARG A 9 -0.14 -8.97 -1.49
C ARG A 9 -0.49 -8.66 -0.03
N GLY A 10 -1.70 -8.20 0.21
CA GLY A 10 -2.13 -7.88 1.56
C GLY A 10 -1.83 -6.43 1.91
N GLY A 11 -1.82 -5.58 0.92
CA GLY A 11 -1.53 -4.18 1.13
C GLY A 11 -2.74 -3.34 0.93
N ASN A 12 -2.91 -2.35 1.78
CA ASN A 12 -4.05 -1.47 1.73
C ASN A 12 -3.60 -0.11 1.27
N CYS A 13 -4.50 0.64 0.68
CA CYS A 13 -4.21 1.98 0.22
C CYS A 13 -4.30 2.92 1.40
N ARG A 14 -3.17 3.34 1.91
CA ARG A 14 -3.17 4.23 3.05
C ARG A 14 -2.97 5.65 2.60
N PHE A 15 -3.34 6.59 3.42
CA PHE A 15 -3.23 7.97 3.06
C PHE A 15 -1.90 8.54 3.50
N GLY A 16 -1.06 8.83 2.53
CA GLY A 16 0.19 9.50 2.78
C GLY A 16 1.28 8.58 3.24
N ARG A 17 1.29 8.28 4.52
CA ARG A 17 2.36 7.50 5.13
C ARG A 17 1.80 6.25 5.75
N CYS A 18 2.66 5.44 6.32
CA CYS A 18 2.26 4.19 6.92
C CYS A 18 3.09 4.00 8.18
N GLN A 19 2.74 3.03 8.99
CA GLN A 19 3.50 2.74 10.19
C GLN A 19 4.86 2.15 9.83
N PHE A 20 5.80 2.28 10.75
CA PHE A 20 7.16 1.81 10.57
C PHE A 20 7.19 0.29 10.52
N ALA A 21 6.29 -0.33 11.25
CA ALA A 21 6.20 -1.78 11.30
C ALA A 21 5.52 -2.37 10.07
N GLU A 22 5.04 -1.52 9.19
CA GLU A 22 4.39 -1.96 7.98
C GLU A 22 5.33 -1.76 6.79
N ARG A 23 4.98 -2.32 5.66
CA ARG A 23 5.83 -2.21 4.50
C ARG A 23 5.01 -1.77 3.29
N GLN A 24 5.55 -0.83 2.53
CA GLN A 24 4.93 -0.41 1.30
C GLN A 24 5.26 -1.45 0.23
N ILE A 25 4.26 -2.17 -0.16
CA ILE A 25 4.42 -3.28 -1.08
C ILE A 25 3.78 -2.99 -2.44
N GLY A 26 3.25 -1.80 -2.59
CA GLY A 26 2.73 -1.38 -3.87
C GLY A 26 2.33 0.07 -3.84
N ARG A 27 1.68 0.55 -4.88
CA ARG A 27 1.21 1.92 -4.92
C ARG A 27 -0.16 1.99 -5.59
N CYS A 28 -1.13 2.50 -4.86
CA CYS A 28 -2.48 2.65 -5.37
C CYS A 28 -2.57 3.94 -6.18
N SER A 29 -1.90 4.96 -5.68
CA SER A 29 -1.87 6.27 -6.29
C SER A 29 -0.76 7.11 -5.68
N ALA A 30 -0.62 8.35 -6.13
CA ALA A 30 0.43 9.27 -5.70
C ALA A 30 0.41 9.54 -4.20
N PHE A 31 -0.76 9.58 -3.62
CA PHE A 31 -0.90 9.85 -2.22
C PHE A 31 -1.22 8.57 -1.44
N GLN A 32 -1.50 7.51 -2.16
CA GLN A 32 -1.90 6.27 -1.51
C GLN A 32 -0.98 5.12 -1.87
N PRO A 33 -0.01 4.79 -1.02
CA PRO A 33 0.82 3.64 -1.23
C PRO A 33 0.14 2.38 -0.66
N CYS A 34 0.45 1.24 -1.20
CA CYS A 34 -0.09 0.01 -0.71
C CYS A 34 0.79 -0.44 0.40
N CYS A 35 0.31 -0.36 1.57
CA CYS A 35 1.09 -0.70 2.70
C CYS A 35 0.35 -1.68 3.56
N GLY A 36 1.07 -2.54 4.21
CA GLY A 36 0.48 -3.47 5.10
C GLY A 36 1.43 -4.59 5.44
N ARG A 37 0.93 -5.56 6.18
CA ARG A 37 1.62 -6.76 6.60
C ARG A 37 0.60 -7.69 7.22
N GLY A 1 -1.63 2.37 -9.26
CA GLY A 1 -2.80 1.55 -9.00
C GLY A 1 -2.40 0.22 -8.44
N ASN A 2 -2.23 -0.78 -9.32
CA ASN A 2 -1.76 -2.13 -8.95
C ASN A 2 -2.64 -2.77 -7.89
N SER A 3 -3.90 -2.40 -7.91
CA SER A 3 -4.87 -2.81 -6.92
C SER A 3 -4.97 -4.33 -6.76
N TRP A 4 -4.89 -5.07 -7.85
CA TRP A 4 -5.01 -6.52 -7.76
C TRP A 4 -3.79 -7.12 -7.06
N LEU A 5 -2.61 -6.57 -7.35
CA LEU A 5 -1.39 -7.03 -6.71
C LEU A 5 -1.36 -6.59 -5.25
N CYS A 6 -1.79 -5.36 -5.01
CA CYS A 6 -1.83 -4.80 -3.67
C CYS A 6 -2.72 -5.63 -2.75
N VAL A 7 -3.91 -5.97 -3.20
CA VAL A 7 -4.84 -6.77 -2.40
C VAL A 7 -4.35 -8.22 -2.27
N ARG A 8 -3.64 -8.69 -3.30
CA ARG A 8 -3.10 -10.04 -3.31
C ARG A 8 -2.09 -10.22 -2.19
N ARG A 9 -1.22 -9.24 -2.05
CA ARG A 9 -0.20 -9.27 -1.02
C ARG A 9 -0.81 -8.94 0.34
N GLY A 10 -1.83 -8.11 0.33
CA GLY A 10 -2.47 -7.70 1.56
C GLY A 10 -2.05 -6.31 1.96
N GLY A 11 -1.85 -5.46 0.98
CA GLY A 11 -1.45 -4.11 1.24
C GLY A 11 -2.59 -3.17 0.97
N ASN A 12 -2.85 -2.30 1.89
CA ASN A 12 -3.97 -1.41 1.81
C ASN A 12 -3.48 -0.03 1.46
N CYS A 13 -4.35 0.75 0.88
CA CYS A 13 -4.02 2.09 0.47
C CYS A 13 -3.91 2.99 1.68
N ARG A 14 -2.72 3.44 1.94
CA ARG A 14 -2.46 4.32 3.04
C ARG A 14 -2.38 5.74 2.55
N PHE A 15 -2.86 6.65 3.33
CA PHE A 15 -2.82 8.03 2.96
C PHE A 15 -1.55 8.67 3.49
N GLY A 16 -0.64 9.00 2.60
CA GLY A 16 0.61 9.65 2.99
C GLY A 16 1.60 8.72 3.68
N ARG A 17 1.29 8.35 4.91
CA ARG A 17 2.17 7.56 5.75
C ARG A 17 1.57 6.17 5.95
N CYS A 18 2.28 5.32 6.62
CA CYS A 18 1.83 3.98 6.89
C CYS A 18 2.21 3.65 8.34
N GLN A 19 1.94 2.43 8.79
CA GLN A 19 2.31 2.07 10.13
C GLN A 19 3.78 1.67 10.18
N PHE A 20 4.31 1.63 11.38
CA PHE A 20 5.73 1.39 11.63
C PHE A 20 6.24 0.08 11.00
N ALA A 21 5.49 -0.98 11.16
CA ALA A 21 5.92 -2.27 10.68
C ALA A 21 5.36 -2.61 9.29
N GLU A 22 4.58 -1.74 8.73
CA GLU A 22 4.02 -2.02 7.42
C GLU A 22 4.99 -1.60 6.32
N ARG A 23 4.96 -2.29 5.21
CA ARG A 23 5.87 -2.03 4.11
C ARG A 23 5.09 -1.64 2.86
N GLN A 24 5.61 -0.70 2.11
CA GLN A 24 5.01 -0.25 0.87
C GLN A 24 5.30 -1.27 -0.22
N ILE A 25 4.26 -1.86 -0.74
CA ILE A 25 4.38 -2.89 -1.76
C ILE A 25 4.03 -2.32 -3.14
N GLY A 26 3.37 -1.18 -3.17
CA GLY A 26 3.01 -0.56 -4.42
C GLY A 26 2.39 0.78 -4.21
N ARG A 27 1.79 1.36 -5.21
CA ARG A 27 1.14 2.64 -5.09
C ARG A 27 -0.25 2.62 -5.65
N CYS A 28 -1.23 2.91 -4.81
CA CYS A 28 -2.62 2.99 -5.23
C CYS A 28 -2.78 4.25 -6.04
N SER A 29 -2.22 5.32 -5.52
CA SER A 29 -2.25 6.60 -6.12
C SER A 29 -0.86 7.20 -5.91
N ALA A 30 -0.61 8.37 -6.46
CA ALA A 30 0.70 9.03 -6.41
C ALA A 30 1.20 9.23 -4.97
N PHE A 31 0.34 9.73 -4.11
CA PHE A 31 0.73 9.97 -2.71
C PHE A 31 0.09 8.96 -1.76
N GLN A 32 -0.52 7.93 -2.32
CA GLN A 32 -1.21 6.94 -1.51
C GLN A 32 -0.68 5.55 -1.86
N PRO A 33 0.27 5.04 -1.07
CA PRO A 33 0.89 3.75 -1.35
C PRO A 33 0.10 2.54 -0.84
N CYS A 34 0.34 1.42 -1.46
CA CYS A 34 -0.18 0.15 -1.02
C CYS A 34 0.77 -0.33 0.02
N CYS A 35 0.36 -0.34 1.23
CA CYS A 35 1.23 -0.68 2.30
C CYS A 35 0.59 -1.74 3.19
N GLY A 36 1.37 -2.70 3.63
CA GLY A 36 0.85 -3.76 4.48
C GLY A 36 1.96 -4.43 5.26
N ARG A 37 1.59 -5.10 6.34
CA ARG A 37 2.54 -5.81 7.17
C ARG A 37 2.89 -7.14 6.54
N GLY A 1 -4.42 -2.43 -13.47
CA GLY A 1 -4.66 -1.83 -12.16
C GLY A 1 -3.49 -2.07 -11.25
N ASN A 2 -3.10 -1.09 -10.47
CA ASN A 2 -1.96 -1.24 -9.58
C ASN A 2 -2.45 -1.68 -8.21
N SER A 3 -3.60 -1.17 -7.82
CA SER A 3 -4.19 -1.43 -6.53
C SER A 3 -4.54 -2.92 -6.36
N TRP A 4 -4.82 -3.58 -7.46
CA TRP A 4 -5.18 -4.99 -7.44
C TRP A 4 -3.98 -5.85 -7.07
N LEU A 5 -2.80 -5.35 -7.36
CA LEU A 5 -1.57 -6.05 -7.03
C LEU A 5 -1.37 -5.97 -5.52
N CYS A 6 -1.78 -4.85 -4.96
CA CYS A 6 -1.66 -4.61 -3.52
C CYS A 6 -2.51 -5.60 -2.75
N VAL A 7 -3.65 -5.95 -3.32
CA VAL A 7 -4.58 -6.92 -2.73
C VAL A 7 -3.89 -8.29 -2.65
N ARG A 8 -3.12 -8.59 -3.67
CA ARG A 8 -2.42 -9.86 -3.80
C ARG A 8 -1.19 -9.90 -2.88
N ARG A 9 -0.60 -8.73 -2.64
CA ARG A 9 0.61 -8.62 -1.82
C ARG A 9 0.28 -8.46 -0.33
N GLY A 10 -0.90 -7.97 -0.04
CA GLY A 10 -1.33 -7.81 1.33
C GLY A 10 -1.13 -6.40 1.83
N GLY A 11 -1.52 -5.43 1.04
CA GLY A 11 -1.35 -4.06 1.42
C GLY A 11 -2.54 -3.23 1.04
N ASN A 12 -2.79 -2.22 1.81
CA ASN A 12 -3.92 -1.34 1.58
C ASN A 12 -3.41 0.07 1.35
N CYS A 13 -4.27 0.96 0.97
CA CYS A 13 -3.88 2.33 0.70
C CYS A 13 -3.69 3.08 2.00
N ARG A 14 -2.52 3.57 2.24
CA ARG A 14 -2.28 4.37 3.42
C ARG A 14 -2.31 5.82 3.04
N PHE A 15 -2.88 6.62 3.86
CA PHE A 15 -2.94 8.03 3.60
C PHE A 15 -1.73 8.70 4.21
N GLY A 16 -0.85 9.17 3.36
CA GLY A 16 0.36 9.79 3.81
C GLY A 16 1.38 8.78 4.23
N ARG A 17 1.64 8.72 5.52
CA ARG A 17 2.60 7.78 6.06
C ARG A 17 1.92 6.52 6.59
N CYS A 18 2.64 5.45 6.58
CA CYS A 18 2.16 4.18 7.04
C CYS A 18 2.66 4.00 8.47
N GLN A 19 2.41 2.87 9.03
CA GLN A 19 2.91 2.56 10.34
C GLN A 19 4.25 1.87 10.22
N PHE A 20 5.01 1.84 11.30
CA PHE A 20 6.35 1.25 11.31
C PHE A 20 6.28 -0.26 11.15
N ALA A 21 5.22 -0.85 11.66
CA ALA A 21 5.03 -2.29 11.62
C ALA A 21 4.55 -2.76 10.24
N GLU A 22 4.42 -1.84 9.32
CA GLU A 22 3.97 -2.16 8.00
C GLU A 22 5.07 -1.85 6.99
N ARG A 23 4.93 -2.35 5.80
CA ARG A 23 5.92 -2.15 4.76
C ARG A 23 5.26 -1.75 3.45
N GLN A 24 5.99 -1.01 2.65
CA GLN A 24 5.48 -0.52 1.39
C GLN A 24 5.60 -1.62 0.35
N ILE A 25 4.51 -1.93 -0.32
CA ILE A 25 4.50 -3.00 -1.31
C ILE A 25 3.80 -2.62 -2.62
N GLY A 26 3.37 -1.39 -2.73
CA GLY A 26 2.81 -0.93 -3.99
C GLY A 26 2.25 0.44 -3.84
N ARG A 27 1.42 0.88 -4.76
CA ARG A 27 0.74 2.16 -4.65
C ARG A 27 -0.62 2.03 -5.26
N CYS A 28 -1.59 2.66 -4.65
CA CYS A 28 -2.92 2.72 -5.18
C CYS A 28 -2.94 3.88 -6.16
N SER A 29 -2.20 4.89 -5.80
CA SER A 29 -2.00 6.05 -6.58
C SER A 29 -0.70 6.64 -6.14
N ALA A 30 -0.16 7.59 -6.89
CA ALA A 30 1.08 8.26 -6.54
C ALA A 30 0.95 8.99 -5.20
N PHE A 31 -0.27 9.25 -4.80
CA PHE A 31 -0.55 9.90 -3.55
C PHE A 31 -0.72 8.88 -2.43
N GLN A 32 -1.41 7.78 -2.73
CA GLN A 32 -1.75 6.79 -1.71
C GLN A 32 -1.02 5.49 -1.97
N PRO A 33 0.00 5.19 -1.19
CA PRO A 33 0.78 4.00 -1.36
C PRO A 33 0.15 2.76 -0.69
N CYS A 34 0.48 1.62 -1.21
CA CYS A 34 0.03 0.37 -0.66
C CYS A 34 1.02 -0.10 0.34
N CYS A 35 0.61 -0.09 1.55
CA CYS A 35 1.41 -0.51 2.62
C CYS A 35 0.62 -1.49 3.44
N GLY A 36 1.28 -2.46 4.00
CA GLY A 36 0.63 -3.44 4.78
C GLY A 36 1.61 -4.36 5.39
N ARG A 37 1.14 -5.42 5.95
CA ARG A 37 1.96 -6.41 6.58
C ARG A 37 1.35 -7.79 6.36
N GLY A 1 -3.46 -2.47 -13.67
CA GLY A 1 -3.72 -1.67 -12.48
C GLY A 1 -2.92 -2.16 -11.30
N ASN A 2 -1.83 -1.48 -11.00
CA ASN A 2 -0.91 -1.85 -9.92
C ASN A 2 -1.57 -1.84 -8.55
N SER A 3 -2.58 -1.00 -8.40
CA SER A 3 -3.29 -0.88 -7.14
C SER A 3 -3.99 -2.19 -6.76
N TRP A 4 -4.51 -2.90 -7.76
CA TRP A 4 -5.19 -4.17 -7.51
C TRP A 4 -4.23 -5.29 -7.25
N LEU A 5 -2.99 -5.11 -7.66
CA LEU A 5 -1.96 -6.10 -7.41
C LEU A 5 -1.61 -6.08 -5.92
N CYS A 6 -1.66 -4.90 -5.33
CA CYS A 6 -1.44 -4.73 -3.90
C CYS A 6 -2.56 -5.41 -3.13
N VAL A 7 -3.77 -5.24 -3.66
CA VAL A 7 -4.96 -5.85 -3.09
C VAL A 7 -4.83 -7.38 -3.15
N ARG A 8 -4.20 -7.87 -4.20
CA ARG A 8 -4.02 -9.29 -4.39
C ARG A 8 -2.88 -9.84 -3.51
N ARG A 9 -1.80 -9.09 -3.38
CA ARG A 9 -0.69 -9.54 -2.53
C ARG A 9 -1.06 -9.50 -1.05
N GLY A 10 -1.90 -8.56 -0.69
CA GLY A 10 -2.33 -8.47 0.68
C GLY A 10 -1.90 -7.20 1.33
N GLY A 11 -2.40 -6.12 0.84
CA GLY A 11 -2.10 -4.84 1.41
C GLY A 11 -3.29 -3.94 1.36
N ASN A 12 -3.24 -2.87 2.08
CA ASN A 12 -4.29 -1.88 2.10
C ASN A 12 -3.70 -0.54 1.74
N CYS A 13 -4.39 0.18 0.91
CA CYS A 13 -3.97 1.51 0.52
C CYS A 13 -4.24 2.46 1.67
N ARG A 14 -3.19 3.06 2.20
CA ARG A 14 -3.35 4.02 3.27
C ARG A 14 -3.50 5.41 2.73
N PHE A 15 -3.95 6.30 3.57
CA PHE A 15 -4.02 7.68 3.22
C PHE A 15 -2.73 8.38 3.65
N GLY A 16 -1.99 8.86 2.69
CA GLY A 16 -0.80 9.59 2.99
C GLY A 16 0.45 8.75 2.84
N ARG A 17 0.91 8.23 3.94
CA ARG A 17 2.08 7.39 4.02
C ARG A 17 1.78 6.29 5.00
N CYS A 18 2.67 5.35 5.15
CA CYS A 18 2.46 4.31 6.12
C CYS A 18 3.43 4.52 7.28
N GLN A 19 3.46 3.61 8.22
CA GLN A 19 4.38 3.70 9.33
C GLN A 19 5.59 2.83 9.04
N PHE A 20 6.70 3.11 9.67
CA PHE A 20 7.95 2.37 9.44
C PHE A 20 7.83 0.94 9.94
N ALA A 21 7.00 0.76 10.94
CA ALA A 21 6.75 -0.54 11.53
C ALA A 21 5.75 -1.34 10.71
N GLU A 22 5.29 -0.78 9.61
CA GLU A 22 4.38 -1.46 8.73
C GLU A 22 5.10 -1.84 7.45
N ARG A 23 4.48 -2.67 6.65
CA ARG A 23 5.12 -3.23 5.47
C ARG A 23 4.73 -2.47 4.22
N GLN A 24 5.68 -1.81 3.61
CA GLN A 24 5.42 -1.09 2.37
C GLN A 24 5.63 -2.04 1.20
N ILE A 25 4.58 -2.28 0.45
CA ILE A 25 4.71 -3.18 -0.68
C ILE A 25 4.63 -2.45 -2.01
N GLY A 26 4.04 -1.27 -2.01
CA GLY A 26 3.94 -0.53 -3.26
C GLY A 26 3.19 0.75 -3.08
N ARG A 27 2.72 1.33 -4.16
CA ARG A 27 1.93 2.56 -4.11
C ARG A 27 0.70 2.46 -5.02
N CYS A 28 -0.45 2.68 -4.44
CA CYS A 28 -1.73 2.62 -5.16
C CYS A 28 -1.90 3.92 -5.94
N SER A 29 -1.51 5.01 -5.31
CA SER A 29 -1.58 6.32 -5.89
C SER A 29 -0.53 7.18 -5.20
N ALA A 30 -0.44 8.44 -5.57
CA ALA A 30 0.53 9.35 -5.01
C ALA A 30 0.29 9.57 -3.51
N PHE A 31 -0.96 9.63 -3.13
CA PHE A 31 -1.33 9.84 -1.75
C PHE A 31 -1.80 8.51 -1.11
N GLN A 32 -1.66 7.42 -1.82
CA GLN A 32 -2.11 6.14 -1.30
C GLN A 32 -1.05 5.06 -1.48
N PRO A 33 -0.29 4.73 -0.45
CA PRO A 33 0.68 3.66 -0.50
C PRO A 33 0.05 2.29 -0.21
N CYS A 34 0.56 1.25 -0.83
CA CYS A 34 0.12 -0.10 -0.55
C CYS A 34 0.90 -0.56 0.65
N CYS A 35 0.23 -0.67 1.77
CA CYS A 35 0.91 -1.03 2.97
C CYS A 35 0.19 -2.18 3.65
N GLY A 36 0.92 -3.01 4.33
CA GLY A 36 0.35 -4.12 5.01
C GLY A 36 1.14 -4.49 6.24
N ARG A 37 1.08 -5.75 6.59
CA ARG A 37 1.77 -6.26 7.75
C ARG A 37 2.89 -7.18 7.33
N GLY A 1 -1.91 3.07 -11.13
CA GLY A 1 -2.81 2.37 -10.24
C GLY A 1 -2.36 0.95 -10.04
N ASN A 2 -2.30 0.50 -8.81
CA ASN A 2 -1.84 -0.86 -8.54
C ASN A 2 -2.56 -1.43 -7.33
N SER A 3 -3.68 -0.82 -6.98
CA SER A 3 -4.45 -1.22 -5.82
C SER A 3 -4.86 -2.70 -5.87
N TRP A 4 -5.26 -3.18 -7.05
CA TRP A 4 -5.72 -4.55 -7.24
C TRP A 4 -4.62 -5.58 -6.90
N LEU A 5 -3.40 -5.34 -7.39
CA LEU A 5 -2.29 -6.24 -7.11
C LEU A 5 -1.88 -6.17 -5.64
N CYS A 6 -2.03 -5.02 -5.06
CA CYS A 6 -1.74 -4.86 -3.65
C CYS A 6 -2.78 -5.57 -2.78
N VAL A 7 -4.04 -5.59 -3.24
CA VAL A 7 -5.09 -6.36 -2.57
C VAL A 7 -4.75 -7.85 -2.69
N ARG A 8 -4.24 -8.21 -3.87
CA ARG A 8 -3.83 -9.59 -4.17
C ARG A 8 -2.73 -10.04 -3.21
N ARG A 9 -1.83 -9.13 -2.90
CA ARG A 9 -0.75 -9.41 -1.96
C ARG A 9 -1.23 -9.34 -0.52
N GLY A 10 -2.36 -8.71 -0.32
CA GLY A 10 -2.91 -8.61 1.00
C GLY A 10 -2.39 -7.40 1.72
N GLY A 11 -2.33 -6.31 1.01
CA GLY A 11 -1.90 -5.07 1.59
C GLY A 11 -2.97 -4.04 1.46
N ASN A 12 -2.84 -2.99 2.19
CA ASN A 12 -3.83 -1.94 2.21
C ASN A 12 -3.21 -0.65 1.77
N CYS A 13 -3.99 0.18 1.19
CA CYS A 13 -3.54 1.46 0.75
C CYS A 13 -3.83 2.46 1.84
N ARG A 14 -2.86 3.20 2.25
CA ARG A 14 -3.11 4.24 3.23
C ARG A 14 -2.97 5.59 2.56
N PHE A 15 -3.32 6.62 3.25
CA PHE A 15 -3.20 7.95 2.71
C PHE A 15 -1.86 8.56 3.03
N GLY A 16 -1.10 8.87 2.00
CA GLY A 16 0.18 9.52 2.15
C GLY A 16 1.28 8.57 2.53
N ARG A 17 1.28 8.17 3.77
CA ARG A 17 2.29 7.26 4.30
C ARG A 17 1.61 6.13 5.01
N CYS A 18 2.38 5.20 5.46
CA CYS A 18 1.86 4.13 6.25
C CYS A 18 2.57 4.16 7.59
N GLN A 19 2.24 3.26 8.45
CA GLN A 19 2.85 3.20 9.74
C GLN A 19 4.23 2.56 9.63
N PHE A 20 5.10 2.86 10.58
CA PHE A 20 6.44 2.40 10.57
C PHE A 20 6.50 0.90 10.85
N ALA A 21 5.49 0.41 11.56
CA ALA A 21 5.38 -1.01 11.90
C ALA A 21 4.84 -1.82 10.72
N GLU A 22 4.64 -1.17 9.59
CA GLU A 22 4.16 -1.80 8.41
C GLU A 22 5.19 -1.64 7.29
N ARG A 23 4.94 -2.24 6.15
CA ARG A 23 5.89 -2.28 5.05
C ARG A 23 5.30 -1.71 3.75
N GLN A 24 6.11 -0.97 3.03
CA GLN A 24 5.74 -0.47 1.72
C GLN A 24 5.90 -1.61 0.72
N ILE A 25 4.82 -2.07 0.16
CA ILE A 25 4.88 -3.14 -0.81
C ILE A 25 4.61 -2.62 -2.22
N GLY A 26 4.28 -1.35 -2.31
CA GLY A 26 4.09 -0.72 -3.61
C GLY A 26 3.36 0.59 -3.49
N ARG A 27 2.73 1.01 -4.56
CA ARG A 27 1.94 2.23 -4.57
C ARG A 27 0.63 1.96 -5.30
N CYS A 28 -0.47 2.21 -4.63
CA CYS A 28 -1.80 2.00 -5.18
C CYS A 28 -2.12 3.11 -6.13
N SER A 29 -1.70 4.29 -5.75
CA SER A 29 -1.87 5.50 -6.50
C SER A 29 -0.81 6.48 -6.03
N ALA A 30 -0.84 7.69 -6.57
CA ALA A 30 0.15 8.73 -6.26
C ALA A 30 0.28 8.99 -4.77
N PHE A 31 -0.83 9.24 -4.12
CA PHE A 31 -0.81 9.57 -2.70
C PHE A 31 -1.37 8.43 -1.85
N GLN A 32 -1.34 7.24 -2.40
CA GLN A 32 -1.83 6.06 -1.68
C GLN A 32 -0.83 4.92 -1.84
N PRO A 33 0.07 4.73 -0.89
CA PRO A 33 1.03 3.65 -0.95
C PRO A 33 0.43 2.30 -0.55
N CYS A 34 0.92 1.25 -1.18
CA CYS A 34 0.52 -0.10 -0.84
C CYS A 34 1.31 -0.50 0.35
N CYS A 35 0.66 -0.69 1.43
CA CYS A 35 1.28 -1.01 2.64
C CYS A 35 0.83 -2.38 3.10
N GLY A 36 1.77 -3.25 3.29
CA GLY A 36 1.48 -4.59 3.70
C GLY A 36 2.25 -4.91 4.95
N ARG A 37 2.06 -6.08 5.48
CA ARG A 37 2.76 -6.49 6.65
C ARG A 37 3.40 -7.83 6.38
N GLY A 1 2.35 -2.23 -8.07
CA GLY A 1 1.47 -1.14 -7.68
C GLY A 1 0.04 -1.49 -7.96
N ASN A 2 -0.84 -0.49 -7.91
CA ASN A 2 -2.28 -0.63 -8.16
C ASN A 2 -3.01 -1.31 -7.02
N SER A 3 -4.09 -0.68 -6.61
CA SER A 3 -4.88 -1.06 -5.44
C SER A 3 -5.27 -2.54 -5.46
N TRP A 4 -5.85 -3.00 -6.57
CA TRP A 4 -6.34 -4.36 -6.66
C TRP A 4 -5.21 -5.37 -6.48
N LEU A 5 -4.07 -5.09 -7.07
CA LEU A 5 -2.94 -5.98 -6.98
C LEU A 5 -2.36 -5.96 -5.58
N CYS A 6 -2.24 -4.77 -5.03
CA CYS A 6 -1.67 -4.61 -3.71
C CYS A 6 -2.50 -5.27 -2.61
N VAL A 7 -3.82 -5.14 -2.70
CA VAL A 7 -4.67 -5.78 -1.73
C VAL A 7 -4.66 -7.30 -1.93
N ARG A 8 -4.51 -7.71 -3.18
CA ARG A 8 -4.47 -9.11 -3.54
C ARG A 8 -3.15 -9.75 -3.07
N ARG A 9 -2.07 -8.98 -3.17
CA ARG A 9 -0.74 -9.45 -2.74
C ARG A 9 -0.65 -9.54 -1.23
N GLY A 10 -1.37 -8.69 -0.53
CA GLY A 10 -1.40 -8.74 0.91
C GLY A 10 -1.13 -7.41 1.56
N GLY A 11 -1.86 -6.41 1.15
CA GLY A 11 -1.71 -5.11 1.72
C GLY A 11 -2.94 -4.29 1.55
N ASN A 12 -2.91 -3.08 2.01
CA ASN A 12 -4.02 -2.16 1.88
C ASN A 12 -3.47 -0.83 1.45
N CYS A 13 -4.29 0.00 0.89
CA CYS A 13 -3.84 1.30 0.48
C CYS A 13 -4.07 2.27 1.63
N ARG A 14 -3.22 3.26 1.77
CA ARG A 14 -3.39 4.26 2.81
C ARG A 14 -3.26 5.63 2.24
N PHE A 15 -3.73 6.61 2.94
CA PHE A 15 -3.63 7.97 2.49
C PHE A 15 -2.37 8.62 3.01
N GLY A 16 -1.52 9.02 2.10
CA GLY A 16 -0.30 9.69 2.45
C GLY A 16 0.81 8.74 2.74
N ARG A 17 0.87 8.26 3.96
CA ARG A 17 1.94 7.39 4.38
C ARG A 17 1.37 6.21 5.12
N CYS A 18 2.25 5.35 5.54
CA CYS A 18 1.87 4.20 6.30
C CYS A 18 2.73 4.22 7.55
N GLN A 19 2.54 3.29 8.44
CA GLN A 19 3.36 3.23 9.62
C GLN A 19 4.64 2.47 9.31
N PHE A 20 5.65 2.68 10.13
CA PHE A 20 6.95 2.01 9.96
C PHE A 20 6.80 0.51 10.21
N ALA A 21 5.82 0.18 11.04
CA ALA A 21 5.51 -1.22 11.38
C ALA A 21 4.90 -1.97 10.18
N GLU A 22 4.50 -1.24 9.18
CA GLU A 22 3.88 -1.83 8.03
C GLU A 22 4.81 -1.73 6.83
N ARG A 23 4.62 -2.58 5.86
CA ARG A 23 5.50 -2.62 4.71
C ARG A 23 4.86 -2.03 3.47
N GLN A 24 5.43 -0.96 2.98
CA GLN A 24 4.98 -0.35 1.77
C GLN A 24 5.57 -1.11 0.61
N ILE A 25 4.74 -1.82 -0.08
CA ILE A 25 5.16 -2.67 -1.17
C ILE A 25 5.04 -1.95 -2.50
N GLY A 26 4.33 -0.84 -2.51
CA GLY A 26 4.18 -0.10 -3.74
C GLY A 26 3.27 1.07 -3.62
N ARG A 27 2.60 1.42 -4.70
CA ARG A 27 1.69 2.55 -4.72
C ARG A 27 0.38 2.21 -5.41
N CYS A 28 -0.71 2.54 -4.76
CA CYS A 28 -2.04 2.36 -5.30
C CYS A 28 -2.38 3.58 -6.14
N SER A 29 -1.83 4.71 -5.74
CA SER A 29 -2.03 5.98 -6.38
C SER A 29 -0.89 6.90 -5.93
N ALA A 30 -0.89 8.13 -6.39
CA ALA A 30 0.16 9.09 -6.09
C ALA A 30 0.20 9.44 -4.61
N PHE A 31 -0.95 9.52 -3.99
CA PHE A 31 -1.03 9.83 -2.59
C PHE A 31 -1.49 8.63 -1.77
N GLN A 32 -1.40 7.45 -2.35
CA GLN A 32 -1.83 6.25 -1.65
C GLN A 32 -0.83 5.12 -1.85
N PRO A 33 0.03 4.85 -0.86
CA PRO A 33 0.96 3.74 -0.94
C PRO A 33 0.29 2.38 -0.65
N CYS A 34 0.81 1.34 -1.26
CA CYS A 34 0.37 0.00 -1.00
C CYS A 34 1.11 -0.46 0.19
N CYS A 35 0.44 -0.63 1.28
CA CYS A 35 1.10 -0.96 2.48
C CYS A 35 0.48 -2.18 3.13
N GLY A 36 1.27 -3.19 3.31
CA GLY A 36 0.79 -4.40 3.85
C GLY A 36 1.80 -5.10 4.69
N ARG A 37 1.90 -6.39 4.50
CA ARG A 37 2.78 -7.21 5.29
C ARG A 37 3.88 -7.76 4.40
N GLY A 1 -5.97 -3.27 -11.83
CA GLY A 1 -5.69 -2.06 -11.05
C GLY A 1 -4.64 -2.34 -10.00
N ASN A 2 -3.73 -1.40 -9.83
CA ASN A 2 -2.61 -1.53 -8.90
C ASN A 2 -3.05 -1.72 -7.47
N SER A 3 -4.10 -1.02 -7.06
CA SER A 3 -4.63 -1.13 -5.71
C SER A 3 -4.97 -2.59 -5.39
N TRP A 4 -5.62 -3.25 -6.34
CA TRP A 4 -6.09 -4.61 -6.16
C TRP A 4 -4.92 -5.57 -6.08
N LEU A 5 -3.87 -5.28 -6.84
CA LEU A 5 -2.67 -6.10 -6.84
C LEU A 5 -2.04 -6.05 -5.46
N CYS A 6 -1.98 -4.85 -4.92
CA CYS A 6 -1.43 -4.63 -3.60
C CYS A 6 -2.31 -5.28 -2.53
N VAL A 7 -3.63 -5.18 -2.68
CA VAL A 7 -4.58 -5.82 -1.75
C VAL A 7 -4.42 -7.35 -1.77
N ARG A 8 -4.08 -7.88 -2.94
CA ARG A 8 -3.85 -9.32 -3.08
C ARG A 8 -2.54 -9.72 -2.40
N ARG A 9 -1.62 -8.78 -2.31
CA ARG A 9 -0.36 -9.01 -1.61
C ARG A 9 -0.60 -8.95 -0.12
N GLY A 10 -1.67 -8.28 0.27
CA GLY A 10 -1.99 -8.12 1.67
C GLY A 10 -1.78 -6.70 2.11
N GLY A 11 -1.40 -5.87 1.15
CA GLY A 11 -1.13 -4.51 1.41
C GLY A 11 -2.33 -3.67 1.09
N ASN A 12 -2.30 -2.46 1.53
CA ASN A 12 -3.39 -1.54 1.31
C ASN A 12 -2.84 -0.22 0.87
N CYS A 13 -3.68 0.54 0.26
CA CYS A 13 -3.34 1.86 -0.20
C CYS A 13 -3.46 2.83 0.98
N ARG A 14 -2.35 3.26 1.48
CA ARG A 14 -2.33 4.11 2.65
C ARG A 14 -2.37 5.55 2.25
N PHE A 15 -3.10 6.35 2.97
CA PHE A 15 -3.17 7.75 2.66
C PHE A 15 -1.99 8.45 3.29
N GLY A 16 -1.05 8.87 2.47
CA GLY A 16 0.12 9.57 2.93
C GLY A 16 1.11 8.68 3.69
N ARG A 17 0.73 8.26 4.86
CA ARG A 17 1.58 7.48 5.73
C ARG A 17 0.97 6.13 5.98
N CYS A 18 1.77 5.23 6.47
CA CYS A 18 1.37 3.90 6.77
C CYS A 18 1.65 3.65 8.23
N GLN A 19 1.20 2.52 8.75
CA GLN A 19 1.46 2.20 10.11
C GLN A 19 2.89 1.70 10.26
N PHE A 20 3.40 1.76 11.46
CA PHE A 20 4.78 1.48 11.73
C PHE A 20 5.11 0.00 11.65
N ALA A 21 4.10 -0.83 11.75
CA ALA A 21 4.28 -2.26 11.65
C ALA A 21 4.30 -2.71 10.19
N GLU A 22 3.87 -1.81 9.31
CA GLU A 22 3.75 -2.12 7.90
C GLU A 22 4.96 -1.64 7.12
N ARG A 23 5.13 -2.14 5.89
CA ARG A 23 6.28 -1.80 5.05
C ARG A 23 5.78 -1.35 3.67
N GLN A 24 6.57 -0.57 3.00
CA GLN A 24 6.21 -0.07 1.68
C GLN A 24 6.51 -1.15 0.63
N ILE A 25 5.54 -1.49 -0.20
CA ILE A 25 5.72 -2.57 -1.18
C ILE A 25 5.42 -2.13 -2.63
N GLY A 26 4.73 -1.02 -2.80
CA GLY A 26 4.37 -0.56 -4.14
C GLY A 26 3.66 0.77 -4.08
N ARG A 27 2.95 1.14 -5.12
CA ARG A 27 2.25 2.43 -5.17
C ARG A 27 0.88 2.28 -5.82
N CYS A 28 -0.17 2.70 -5.14
CA CYS A 28 -1.51 2.67 -5.73
C CYS A 28 -1.68 3.94 -6.55
N SER A 29 -1.26 5.04 -5.95
CA SER A 29 -1.30 6.33 -6.56
C SER A 29 -0.28 7.20 -5.85
N ALA A 30 -0.12 8.43 -6.31
CA ALA A 30 0.84 9.35 -5.73
C ALA A 30 0.57 9.61 -4.25
N PHE A 31 -0.70 9.68 -3.90
CA PHE A 31 -1.12 9.98 -2.55
C PHE A 31 -1.27 8.72 -1.72
N GLN A 32 -1.32 7.58 -2.38
CA GLN A 32 -1.54 6.34 -1.67
C GLN A 32 -0.57 5.26 -2.09
N PRO A 33 0.51 5.07 -1.33
CA PRO A 33 1.43 3.99 -1.58
C PRO A 33 0.87 2.64 -1.08
N CYS A 34 1.32 1.56 -1.69
CA CYS A 34 0.93 0.23 -1.28
C CYS A 34 1.79 -0.15 -0.13
N CYS A 35 1.20 -0.35 0.97
CA CYS A 35 1.93 -0.67 2.13
C CYS A 35 1.35 -1.92 2.77
N GLY A 36 2.21 -2.82 3.16
CA GLY A 36 1.79 -4.06 3.73
C GLY A 36 2.96 -4.78 4.33
N ARG A 37 2.68 -5.85 5.00
CA ARG A 37 3.68 -6.65 5.65
C ARG A 37 3.86 -7.91 4.84
N GLY A 1 -7.05 0.95 -9.84
CA GLY A 1 -5.79 0.89 -10.57
C GLY A 1 -5.03 -0.35 -10.21
N ASN A 2 -3.73 -0.22 -9.97
CA ASN A 2 -2.87 -1.36 -9.62
C ASN A 2 -2.98 -1.69 -8.14
N SER A 3 -3.90 -1.03 -7.48
CA SER A 3 -4.17 -1.16 -6.09
C SER A 3 -4.54 -2.60 -5.71
N TRP A 4 -5.26 -3.28 -6.60
CA TRP A 4 -5.74 -4.63 -6.34
C TRP A 4 -4.60 -5.63 -6.38
N LEU A 5 -3.49 -5.26 -7.00
CA LEU A 5 -2.31 -6.12 -7.04
C LEU A 5 -1.76 -6.18 -5.63
N CYS A 6 -1.68 -5.03 -5.03
CA CYS A 6 -1.20 -4.87 -3.68
C CYS A 6 -2.13 -5.55 -2.69
N VAL A 7 -3.43 -5.47 -2.97
CA VAL A 7 -4.43 -6.12 -2.12
C VAL A 7 -4.23 -7.64 -2.14
N ARG A 8 -3.98 -8.19 -3.33
CA ARG A 8 -3.76 -9.63 -3.48
C ARG A 8 -2.43 -10.04 -2.80
N ARG A 9 -1.49 -9.12 -2.75
CA ARG A 9 -0.22 -9.35 -2.06
C ARG A 9 -0.39 -9.23 -0.55
N GLY A 10 -1.50 -8.68 -0.13
CA GLY A 10 -1.80 -8.60 1.28
C GLY A 10 -1.47 -7.24 1.83
N GLY A 11 -1.98 -6.23 1.21
CA GLY A 11 -1.75 -4.89 1.64
C GLY A 11 -2.90 -4.02 1.25
N ASN A 12 -2.90 -2.81 1.72
CA ASN A 12 -3.97 -1.86 1.42
C ASN A 12 -3.37 -0.53 1.01
N CYS A 13 -4.22 0.36 0.56
CA CYS A 13 -3.80 1.68 0.12
C CYS A 13 -4.11 2.70 1.19
N ARG A 14 -3.09 3.24 1.81
CA ARG A 14 -3.30 4.25 2.83
C ARG A 14 -3.09 5.62 2.24
N PHE A 15 -3.58 6.63 2.90
CA PHE A 15 -3.44 7.98 2.41
C PHE A 15 -2.17 8.61 2.97
N GLY A 16 -1.25 8.92 2.10
CA GLY A 16 -0.05 9.57 2.50
C GLY A 16 1.01 8.64 3.01
N ARG A 17 1.04 8.42 4.29
CA ARG A 17 2.06 7.62 4.92
C ARG A 17 1.44 6.32 5.44
N CYS A 18 2.26 5.47 6.01
CA CYS A 18 1.79 4.26 6.63
C CYS A 18 2.51 4.12 7.94
N GLN A 19 2.07 3.24 8.78
CA GLN A 19 2.73 3.04 10.03
C GLN A 19 4.00 2.26 9.78
N PHE A 20 4.99 2.48 10.60
CA PHE A 20 6.27 1.86 10.44
C PHE A 20 6.24 0.41 10.87
N ALA A 21 5.15 0.03 11.51
CA ALA A 21 4.92 -1.35 11.87
C ALA A 21 4.52 -2.14 10.64
N GLU A 22 4.15 -1.44 9.59
CA GLU A 22 3.76 -2.02 8.35
C GLU A 22 4.89 -1.89 7.35
N ARG A 23 4.72 -2.45 6.18
CA ARG A 23 5.77 -2.48 5.19
C ARG A 23 5.30 -1.91 3.87
N GLN A 24 6.07 -1.01 3.31
CA GLN A 24 5.77 -0.46 2.01
C GLN A 24 6.04 -1.53 0.98
N ILE A 25 5.02 -1.97 0.29
CA ILE A 25 5.18 -3.04 -0.68
C ILE A 25 5.03 -2.51 -2.11
N GLY A 26 4.51 -1.31 -2.25
CA GLY A 26 4.35 -0.73 -3.55
C GLY A 26 3.64 0.59 -3.45
N ARG A 27 3.09 1.06 -4.55
CA ARG A 27 2.33 2.31 -4.55
C ARG A 27 1.06 2.11 -5.35
N CYS A 28 -0.05 2.54 -4.80
CA CYS A 28 -1.34 2.46 -5.47
C CYS A 28 -1.45 3.66 -6.38
N SER A 29 -1.02 4.79 -5.85
CA SER A 29 -1.01 6.03 -6.55
C SER A 29 0.06 6.90 -5.92
N ALA A 30 0.22 8.11 -6.42
CA ALA A 30 1.23 9.03 -5.93
C ALA A 30 0.92 9.52 -4.50
N PHE A 31 -0.30 9.36 -4.07
CA PHE A 31 -0.70 9.81 -2.75
C PHE A 31 -1.08 8.64 -1.87
N GLN A 32 -1.09 7.45 -2.42
CA GLN A 32 -1.52 6.28 -1.69
C GLN A 32 -0.55 5.13 -1.90
N PRO A 33 0.28 4.83 -0.91
CA PRO A 33 1.19 3.72 -1.00
C PRO A 33 0.53 2.38 -0.67
N CYS A 34 1.00 1.33 -1.30
CA CYS A 34 0.58 -0.01 -0.99
C CYS A 34 1.32 -0.42 0.23
N CYS A 35 0.63 -0.54 1.30
CA CYS A 35 1.24 -0.86 2.53
C CYS A 35 0.72 -2.20 2.99
N GLY A 36 1.63 -3.14 3.09
CA GLY A 36 1.29 -4.46 3.50
C GLY A 36 2.08 -4.82 4.71
N ARG A 37 2.29 -6.08 4.94
CA ARG A 37 3.06 -6.54 6.07
C ARG A 37 3.32 -8.02 5.90
N GLY A 1 1.75 0.62 -8.75
CA GLY A 1 0.82 1.36 -9.61
C GLY A 1 -0.59 0.83 -9.51
N ASN A 2 -0.73 -0.48 -9.61
CA ASN A 2 -2.03 -1.12 -9.57
C ASN A 2 -2.47 -1.32 -8.13
N SER A 3 -3.55 -0.68 -7.78
CA SER A 3 -4.08 -0.70 -6.44
C SER A 3 -4.57 -2.09 -6.04
N TRP A 4 -5.28 -2.75 -6.95
CA TRP A 4 -5.88 -4.03 -6.65
C TRP A 4 -4.84 -5.11 -6.42
N LEU A 5 -3.72 -5.03 -7.14
CA LEU A 5 -2.63 -6.00 -6.94
C LEU A 5 -2.14 -5.98 -5.50
N CYS A 6 -2.15 -4.82 -4.90
CA CYS A 6 -1.70 -4.67 -3.55
C CYS A 6 -2.68 -5.32 -2.57
N VAL A 7 -3.96 -5.15 -2.81
CA VAL A 7 -4.99 -5.74 -1.96
C VAL A 7 -4.97 -7.27 -2.16
N ARG A 8 -4.71 -7.65 -3.38
CA ARG A 8 -4.68 -9.04 -3.83
C ARG A 8 -3.47 -9.78 -3.23
N ARG A 9 -2.34 -9.09 -3.18
CA ARG A 9 -1.11 -9.68 -2.66
C ARG A 9 -1.04 -9.62 -1.14
N GLY A 10 -1.70 -8.62 -0.55
CA GLY A 10 -1.74 -8.54 0.89
C GLY A 10 -1.24 -7.22 1.42
N GLY A 11 -2.00 -6.18 1.18
CA GLY A 11 -1.69 -4.88 1.68
C GLY A 11 -2.89 -3.99 1.62
N ASN A 12 -2.77 -2.80 2.13
CA ASN A 12 -3.85 -1.84 2.12
C ASN A 12 -3.35 -0.53 1.56
N CYS A 13 -4.21 0.18 0.91
CA CYS A 13 -3.90 1.47 0.39
C CYS A 13 -4.16 2.51 1.47
N ARG A 14 -3.11 3.15 1.94
CA ARG A 14 -3.25 4.18 2.95
C ARG A 14 -2.97 5.53 2.31
N PHE A 15 -3.37 6.59 2.94
CA PHE A 15 -3.19 7.91 2.39
C PHE A 15 -1.83 8.45 2.79
N GLY A 16 -0.94 8.58 1.82
CA GLY A 16 0.36 9.19 2.05
C GLY A 16 1.36 8.36 2.83
N ARG A 17 1.16 8.25 4.12
CA ARG A 17 2.11 7.59 5.00
C ARG A 17 1.53 6.30 5.54
N CYS A 18 2.33 5.60 6.30
CA CYS A 18 1.96 4.37 6.94
C CYS A 18 2.77 4.30 8.21
N GLN A 19 2.53 3.33 9.05
CA GLN A 19 3.34 3.17 10.24
C GLN A 19 4.56 2.33 9.91
N PHE A 20 5.63 2.49 10.67
CA PHE A 20 6.87 1.82 10.42
C PHE A 20 6.81 0.31 10.65
N ALA A 21 5.79 -0.12 11.37
CA ALA A 21 5.56 -1.55 11.61
C ALA A 21 4.95 -2.22 10.37
N GLU A 22 4.65 -1.43 9.36
CA GLU A 22 4.14 -1.93 8.11
C GLU A 22 5.16 -1.66 7.01
N ARG A 23 5.10 -2.42 5.95
CA ARG A 23 6.03 -2.29 4.84
C ARG A 23 5.30 -1.91 3.58
N GLN A 24 6.00 -1.31 2.67
CA GLN A 24 5.43 -0.89 1.44
C GLN A 24 5.60 -1.98 0.40
N ILE A 25 4.51 -2.45 -0.13
CA ILE A 25 4.56 -3.45 -1.16
C ILE A 25 4.36 -2.79 -2.53
N GLY A 26 4.09 -1.49 -2.52
CA GLY A 26 3.98 -0.76 -3.77
C GLY A 26 3.25 0.53 -3.58
N ARG A 27 2.63 1.05 -4.62
CA ARG A 27 1.82 2.24 -4.51
C ARG A 27 0.51 2.04 -5.28
N CYS A 28 -0.59 2.34 -4.63
CA CYS A 28 -1.94 2.16 -5.18
C CYS A 28 -2.30 3.29 -6.11
N SER A 29 -1.42 4.27 -6.14
CA SER A 29 -1.55 5.51 -6.88
C SER A 29 -2.49 6.45 -6.12
N ALA A 30 -2.70 7.67 -6.63
CA ALA A 30 -3.51 8.71 -5.96
C ALA A 30 -2.84 9.15 -4.66
N PHE A 31 -1.50 8.98 -4.63
CA PHE A 31 -0.63 9.32 -3.49
C PHE A 31 -0.85 8.32 -2.33
N GLN A 32 -1.41 7.18 -2.66
CA GLN A 32 -1.64 6.15 -1.68
C GLN A 32 -0.67 5.01 -1.87
N PRO A 33 0.23 4.77 -0.91
CA PRO A 33 1.14 3.64 -0.98
C PRO A 33 0.46 2.33 -0.56
N CYS A 34 0.90 1.24 -1.12
CA CYS A 34 0.43 -0.06 -0.75
C CYS A 34 1.25 -0.47 0.41
N CYS A 35 0.66 -0.52 1.55
CA CYS A 35 1.38 -0.79 2.74
C CYS A 35 0.73 -1.91 3.52
N GLY A 36 1.54 -2.78 4.08
CA GLY A 36 1.05 -3.87 4.86
C GLY A 36 2.16 -4.81 5.23
N ARG A 37 1.78 -6.03 5.60
CA ARG A 37 2.69 -7.09 5.99
C ARG A 37 3.54 -6.70 7.19
N GLY A 1 4.04 -0.60 -9.93
CA GLY A 1 3.28 -1.78 -9.57
C GLY A 1 1.83 -1.62 -9.91
N ASN A 2 1.05 -2.62 -9.59
CA ASN A 2 -0.38 -2.59 -9.85
C ASN A 2 -1.14 -2.47 -8.56
N SER A 3 -1.95 -1.46 -8.48
CA SER A 3 -2.72 -1.14 -7.29
C SER A 3 -3.72 -2.24 -6.96
N TRP A 4 -4.24 -2.88 -8.00
CA TRP A 4 -5.20 -3.96 -7.87
C TRP A 4 -4.55 -5.16 -7.17
N LEU A 5 -3.30 -5.41 -7.52
CA LEU A 5 -2.58 -6.54 -7.00
C LEU A 5 -2.29 -6.38 -5.52
N CYS A 6 -2.09 -5.15 -5.09
CA CYS A 6 -1.83 -4.83 -3.70
C CYS A 6 -2.97 -5.34 -2.83
N VAL A 7 -4.18 -5.07 -3.29
CA VAL A 7 -5.38 -5.44 -2.58
C VAL A 7 -5.55 -6.95 -2.58
N ARG A 8 -5.18 -7.58 -3.67
CA ARG A 8 -5.25 -9.03 -3.82
C ARG A 8 -4.26 -9.71 -2.87
N ARG A 9 -3.11 -9.08 -2.68
CA ARG A 9 -2.07 -9.61 -1.80
C ARG A 9 -2.39 -9.36 -0.33
N GLY A 10 -3.31 -8.45 -0.10
CA GLY A 10 -3.75 -8.18 1.26
C GLY A 10 -3.12 -6.94 1.83
N GLY A 11 -2.73 -6.05 0.96
CA GLY A 11 -2.14 -4.82 1.38
C GLY A 11 -3.21 -3.80 1.71
N ASN A 12 -2.84 -2.85 2.50
CA ASN A 12 -3.73 -1.78 2.90
C ASN A 12 -3.33 -0.53 2.16
N CYS A 13 -4.28 0.26 1.81
CA CYS A 13 -4.00 1.52 1.16
C CYS A 13 -4.07 2.61 2.21
N ARG A 14 -2.92 3.10 2.59
CA ARG A 14 -2.81 4.08 3.65
C ARG A 14 -2.91 5.48 3.08
N PHE A 15 -3.42 6.40 3.84
CA PHE A 15 -3.53 7.77 3.39
C PHE A 15 -2.27 8.52 3.74
N GLY A 16 -1.50 8.87 2.74
CA GLY A 16 -0.29 9.63 2.95
C GLY A 16 0.89 8.77 3.33
N ARG A 17 0.88 8.26 4.54
CA ARG A 17 1.95 7.43 5.05
C ARG A 17 1.41 6.18 5.67
N CYS A 18 2.26 5.22 5.84
CA CYS A 18 1.94 3.98 6.46
C CYS A 18 2.74 3.91 7.73
N GLN A 19 2.46 2.96 8.58
CA GLN A 19 3.19 2.84 9.80
C GLN A 19 4.59 2.32 9.49
N PHE A 20 5.54 2.70 10.30
CA PHE A 20 6.94 2.37 10.06
C PHE A 20 7.15 0.85 10.21
N ALA A 21 6.30 0.24 10.99
CA ALA A 21 6.32 -1.19 11.23
C ALA A 21 5.74 -1.98 10.06
N GLU A 22 5.24 -1.27 9.08
CA GLU A 22 4.63 -1.87 7.92
C GLU A 22 5.58 -1.69 6.71
N ARG A 23 5.22 -2.17 5.54
CA ARG A 23 6.11 -2.14 4.39
C ARG A 23 5.46 -1.61 3.14
N GLN A 24 6.21 -0.85 2.39
CA GLN A 24 5.76 -0.32 1.12
C GLN A 24 5.81 -1.42 0.08
N ILE A 25 4.68 -1.79 -0.45
CA ILE A 25 4.64 -2.84 -1.46
C ILE A 25 4.22 -2.28 -2.82
N GLY A 26 3.83 -1.02 -2.85
CA GLY A 26 3.48 -0.38 -4.11
C GLY A 26 2.75 0.93 -3.85
N ARG A 27 1.92 1.34 -4.79
CA ARG A 27 1.11 2.56 -4.65
C ARG A 27 -0.31 2.29 -5.17
N CYS A 28 -1.31 2.46 -4.29
CA CYS A 28 -2.71 2.23 -4.63
C CYS A 28 -3.22 3.38 -5.47
N SER A 29 -2.76 4.55 -5.13
CA SER A 29 -3.08 5.75 -5.80
C SER A 29 -1.99 6.76 -5.47
N ALA A 30 -2.06 7.94 -6.04
CA ALA A 30 -1.04 8.97 -5.87
C ALA A 30 -0.77 9.29 -4.41
N PHE A 31 -1.81 9.41 -3.61
CA PHE A 31 -1.64 9.76 -2.21
C PHE A 31 -1.78 8.56 -1.28
N GLN A 32 -2.05 7.40 -1.84
CA GLN A 32 -2.24 6.23 -1.02
C GLN A 32 -1.31 5.11 -1.45
N PRO A 33 -0.24 4.88 -0.70
CA PRO A 33 0.68 3.80 -0.99
C PRO A 33 0.12 2.42 -0.61
N CYS A 34 0.51 1.40 -1.37
CA CYS A 34 0.15 0.03 -1.05
C CYS A 34 1.06 -0.39 0.04
N CYS A 35 0.52 -0.61 1.16
CA CYS A 35 1.33 -0.96 2.26
C CYS A 35 0.96 -2.32 2.77
N GLY A 36 1.94 -3.16 2.86
CA GLY A 36 1.76 -4.46 3.40
C GLY A 36 2.33 -4.46 4.77
N ARG A 37 2.26 -5.54 5.47
CA ARG A 37 2.77 -5.52 6.79
C ARG A 37 4.00 -6.39 6.84
N GLY A 1 3.92 -0.18 -8.46
CA GLY A 1 3.01 -1.11 -7.82
C GLY A 1 1.67 -1.07 -8.47
N ASN A 2 0.89 -2.11 -8.30
CA ASN A 2 -0.43 -2.20 -8.92
C ASN A 2 -1.44 -2.51 -7.85
N SER A 3 -2.47 -1.69 -7.75
CA SER A 3 -3.47 -1.80 -6.69
C SER A 3 -4.19 -3.15 -6.69
N TRP A 4 -4.47 -3.69 -7.87
CA TRP A 4 -5.11 -5.00 -7.96
C TRP A 4 -4.21 -6.10 -7.41
N LEU A 5 -2.91 -5.86 -7.42
CA LEU A 5 -1.97 -6.79 -6.85
C LEU A 5 -1.86 -6.54 -5.36
N CYS A 6 -1.95 -5.27 -4.97
CA CYS A 6 -1.92 -4.86 -3.57
C CYS A 6 -3.01 -5.59 -2.77
N VAL A 7 -4.21 -5.67 -3.35
CA VAL A 7 -5.34 -6.39 -2.74
C VAL A 7 -4.96 -7.86 -2.50
N ARG A 8 -4.38 -8.46 -3.53
CA ARG A 8 -3.96 -9.86 -3.51
C ARG A 8 -2.88 -10.09 -2.46
N ARG A 9 -2.00 -9.13 -2.32
CA ARG A 9 -0.89 -9.21 -1.38
C ARG A 9 -1.35 -8.91 0.06
N GLY A 10 -2.50 -8.29 0.18
CA GLY A 10 -3.04 -7.97 1.49
C GLY A 10 -2.55 -6.65 1.99
N GLY A 11 -2.37 -5.72 1.09
CA GLY A 11 -1.94 -4.41 1.46
C GLY A 11 -3.02 -3.41 1.26
N ASN A 12 -3.12 -2.49 2.17
CA ASN A 12 -4.18 -1.51 2.14
C ASN A 12 -3.64 -0.21 1.66
N CYS A 13 -4.52 0.69 1.34
CA CYS A 13 -4.15 1.98 0.85
C CYS A 13 -3.99 2.93 2.01
N ARG A 14 -2.81 3.40 2.19
CA ARG A 14 -2.52 4.34 3.22
C ARG A 14 -2.69 5.73 2.70
N PHE A 15 -3.25 6.60 3.49
CA PHE A 15 -3.41 7.95 3.09
C PHE A 15 -2.21 8.73 3.53
N GLY A 16 -1.42 9.15 2.58
CA GLY A 16 -0.22 9.88 2.90
C GLY A 16 0.94 8.95 3.10
N ARG A 17 1.12 8.47 4.32
CA ARG A 17 2.24 7.59 4.65
C ARG A 17 1.78 6.37 5.43
N CYS A 18 2.70 5.50 5.75
CA CYS A 18 2.41 4.29 6.47
C CYS A 18 3.20 4.30 7.79
N GLN A 19 3.31 3.15 8.42
CA GLN A 19 4.04 3.05 9.68
C GLN A 19 5.26 2.14 9.50
N PHE A 20 6.11 2.10 10.51
CA PHE A 20 7.38 1.35 10.47
C PHE A 20 7.17 -0.16 10.33
N ALA A 21 6.16 -0.68 10.98
CA ALA A 21 5.93 -2.13 10.96
C ALA A 21 5.20 -2.59 9.70
N GLU A 22 4.91 -1.68 8.80
CA GLU A 22 4.22 -2.01 7.59
C GLU A 22 5.12 -1.83 6.40
N ARG A 23 4.85 -2.56 5.34
CA ARG A 23 5.69 -2.52 4.16
C ARG A 23 4.96 -1.92 2.98
N GLN A 24 5.55 -0.91 2.39
CA GLN A 24 5.01 -0.31 1.20
C GLN A 24 5.25 -1.26 0.03
N ILE A 25 4.19 -1.84 -0.46
CA ILE A 25 4.27 -2.87 -1.48
C ILE A 25 3.77 -2.37 -2.84
N GLY A 26 3.28 -1.14 -2.90
CA GLY A 26 2.85 -0.59 -4.16
C GLY A 26 2.21 0.76 -3.99
N ARG A 27 1.39 1.17 -4.93
CA ARG A 27 0.68 2.44 -4.85
C ARG A 27 -0.74 2.29 -5.36
N CYS A 28 -1.69 2.79 -4.60
CA CYS A 28 -3.08 2.79 -4.98
C CYS A 28 -3.38 3.99 -5.84
N SER A 29 -2.80 5.10 -5.47
CA SER A 29 -3.00 6.35 -6.12
C SER A 29 -1.83 7.25 -5.75
N ALA A 30 -1.89 8.50 -6.17
CA ALA A 30 -0.84 9.49 -5.94
C ALA A 30 -0.48 9.59 -4.47
N PHE A 31 -1.44 9.95 -3.66
CA PHE A 31 -1.20 10.16 -2.24
C PHE A 31 -1.59 8.93 -1.43
N GLN A 32 -1.72 7.81 -2.11
CA GLN A 32 -2.14 6.58 -1.44
C GLN A 32 -1.23 5.42 -1.80
N PRO A 33 -0.20 5.13 -1.00
CA PRO A 33 0.66 3.97 -1.22
C PRO A 33 0.01 2.68 -0.69
N CYS A 34 0.31 1.56 -1.32
CA CYS A 34 -0.16 0.27 -0.87
C CYS A 34 0.79 -0.17 0.20
N CYS A 35 0.30 -0.36 1.36
CA CYS A 35 1.12 -0.74 2.44
C CYS A 35 0.52 -1.97 3.11
N GLY A 36 1.30 -3.02 3.17
CA GLY A 36 0.82 -4.27 3.70
C GLY A 36 1.57 -4.69 4.92
N ARG A 37 1.52 -5.95 5.23
CA ARG A 37 2.12 -6.47 6.43
C ARG A 37 3.45 -7.08 6.10
N GLY A 1 -2.02 3.18 -9.27
CA GLY A 1 -0.82 2.34 -9.31
C GLY A 1 -1.15 0.89 -9.52
N ASN A 2 -0.48 0.04 -8.77
CA ASN A 2 -0.58 -1.41 -8.90
C ASN A 2 -1.54 -1.98 -7.86
N SER A 3 -2.69 -1.36 -7.76
CA SER A 3 -3.75 -1.70 -6.81
C SER A 3 -4.11 -3.20 -6.80
N TRP A 4 -4.14 -3.82 -7.96
CA TRP A 4 -4.53 -5.22 -8.04
C TRP A 4 -3.44 -6.17 -7.61
N LEU A 5 -2.21 -5.69 -7.61
CA LEU A 5 -1.13 -6.48 -7.04
C LEU A 5 -1.16 -6.32 -5.54
N CYS A 6 -1.61 -5.16 -5.09
CA CYS A 6 -1.77 -4.89 -3.67
C CYS A 6 -2.83 -5.81 -3.09
N VAL A 7 -3.93 -5.95 -3.81
CA VAL A 7 -5.03 -6.83 -3.44
C VAL A 7 -4.56 -8.30 -3.50
N ARG A 8 -3.62 -8.56 -4.39
CA ARG A 8 -3.11 -9.91 -4.58
C ARG A 8 -2.16 -10.30 -3.43
N ARG A 9 -1.54 -9.32 -2.82
CA ARG A 9 -0.62 -9.58 -1.72
C ARG A 9 -1.31 -9.43 -0.36
N GLY A 10 -2.33 -8.60 -0.33
CA GLY A 10 -3.10 -8.43 0.87
C GLY A 10 -2.72 -7.20 1.63
N GLY A 11 -2.66 -6.09 0.95
CA GLY A 11 -2.32 -4.86 1.59
C GLY A 11 -3.38 -3.82 1.36
N ASN A 12 -3.52 -2.93 2.29
CA ASN A 12 -4.53 -1.88 2.23
C ASN A 12 -3.88 -0.56 1.86
N CYS A 13 -4.68 0.46 1.66
CA CYS A 13 -4.17 1.76 1.26
C CYS A 13 -3.96 2.64 2.47
N ARG A 14 -2.89 3.38 2.47
CA ARG A 14 -2.60 4.34 3.51
C ARG A 14 -2.63 5.73 2.90
N PHE A 15 -2.86 6.72 3.70
CA PHE A 15 -2.87 8.07 3.23
C PHE A 15 -1.49 8.70 3.36
N GLY A 16 -0.87 8.95 2.22
CA GLY A 16 0.42 9.59 2.19
C GLY A 16 1.56 8.64 2.49
N ARG A 17 1.61 8.17 3.69
CA ARG A 17 2.66 7.28 4.16
C ARG A 17 2.05 6.18 4.97
N CYS A 18 2.86 5.26 5.37
CA CYS A 18 2.44 4.20 6.21
C CYS A 18 3.34 4.25 7.43
N GLN A 19 3.06 3.43 8.40
CA GLN A 19 3.87 3.39 9.57
C GLN A 19 5.10 2.54 9.29
N PHE A 20 6.20 2.87 9.94
CA PHE A 20 7.50 2.20 9.73
C PHE A 20 7.43 0.72 10.10
N ALA A 21 6.47 0.38 10.93
CA ALA A 21 6.25 -0.99 11.34
C ALA A 21 5.64 -1.81 10.21
N GLU A 22 5.09 -1.14 9.22
CA GLU A 22 4.41 -1.81 8.15
C GLU A 22 5.23 -1.78 6.85
N ARG A 23 4.85 -2.59 5.89
CA ARG A 23 5.59 -2.77 4.66
C ARG A 23 4.88 -2.09 3.49
N GLN A 24 5.64 -1.36 2.71
CA GLN A 24 5.13 -0.78 1.48
C GLN A 24 5.16 -1.88 0.42
N ILE A 25 4.02 -2.26 -0.08
CA ILE A 25 3.99 -3.33 -1.07
C ILE A 25 3.66 -2.80 -2.46
N GLY A 26 3.16 -1.58 -2.52
CA GLY A 26 2.83 -1.00 -3.79
C GLY A 26 2.23 0.36 -3.62
N ARG A 27 1.52 0.82 -4.61
CA ARG A 27 0.90 2.12 -4.57
C ARG A 27 -0.50 2.03 -5.14
N CYS A 28 -1.48 2.44 -4.36
CA CYS A 28 -2.86 2.45 -4.81
C CYS A 28 -2.98 3.60 -5.80
N SER A 29 -2.40 4.72 -5.42
CA SER A 29 -2.36 5.90 -6.21
C SER A 29 -1.17 6.76 -5.74
N ALA A 30 -0.99 7.92 -6.34
CA ALA A 30 0.14 8.80 -6.06
C ALA A 30 0.27 9.15 -4.58
N PHE A 31 -0.83 9.51 -3.97
CA PHE A 31 -0.82 9.95 -2.58
C PHE A 31 -1.38 8.88 -1.64
N GLN A 32 -1.55 7.67 -2.15
CA GLN A 32 -2.06 6.56 -1.36
C GLN A 32 -1.25 5.28 -1.63
N PRO A 33 -0.24 4.98 -0.81
CA PRO A 33 0.56 3.77 -0.97
C PRO A 33 -0.15 2.51 -0.43
N CYS A 34 0.18 1.37 -1.01
CA CYS A 34 -0.32 0.10 -0.56
C CYS A 34 0.61 -0.39 0.51
N CYS A 35 0.10 -0.55 1.67
CA CYS A 35 0.90 -0.94 2.76
C CYS A 35 0.26 -2.13 3.46
N GLY A 36 1.06 -3.02 3.94
CA GLY A 36 0.58 -4.16 4.62
C GLY A 36 1.53 -4.61 5.68
N ARG A 37 1.08 -5.45 6.56
CA ARG A 37 1.90 -5.97 7.61
C ARG A 37 1.38 -7.31 8.02
N GLY A 1 1.47 1.26 -9.12
CA GLY A 1 0.95 -0.09 -9.32
C GLY A 1 -0.54 -0.08 -9.27
N ASN A 2 -1.13 -1.25 -9.28
CA ASN A 2 -2.57 -1.37 -9.21
C ASN A 2 -2.97 -1.69 -7.81
N SER A 3 -3.86 -0.89 -7.27
CA SER A 3 -4.33 -1.00 -5.90
C SER A 3 -4.83 -2.42 -5.59
N TRP A 4 -5.54 -3.01 -6.55
CA TRP A 4 -6.11 -4.33 -6.37
C TRP A 4 -5.04 -5.41 -6.24
N LEU A 5 -3.93 -5.24 -6.96
CA LEU A 5 -2.83 -6.19 -6.87
C LEU A 5 -2.21 -6.12 -5.49
N CYS A 6 -2.10 -4.90 -4.99
CA CYS A 6 -1.58 -4.66 -3.66
C CYS A 6 -2.48 -5.31 -2.62
N VAL A 7 -3.79 -5.21 -2.82
CA VAL A 7 -4.76 -5.85 -1.94
C VAL A 7 -4.58 -7.37 -1.99
N ARG A 8 -4.44 -7.92 -3.20
CA ARG A 8 -4.26 -9.35 -3.42
C ARG A 8 -2.98 -9.87 -2.76
N ARG A 9 -1.95 -9.04 -2.77
CA ARG A 9 -0.67 -9.38 -2.13
C ARG A 9 -0.80 -9.38 -0.62
N GLY A 10 -1.71 -8.59 -0.11
CA GLY A 10 -1.94 -8.52 1.30
C GLY A 10 -1.58 -7.16 1.84
N GLY A 11 -2.09 -6.15 1.21
CA GLY A 11 -1.81 -4.82 1.63
C GLY A 11 -2.98 -3.93 1.34
N ASN A 12 -2.88 -2.70 1.76
CA ASN A 12 -3.92 -1.72 1.53
C ASN A 12 -3.31 -0.40 1.16
N CYS A 13 -4.11 0.44 0.60
CA CYS A 13 -3.70 1.75 0.20
C CYS A 13 -3.92 2.71 1.35
N ARG A 14 -2.86 3.11 2.01
CA ARG A 14 -2.99 4.05 3.12
C ARG A 14 -2.85 5.46 2.60
N PHE A 15 -3.12 6.42 3.44
CA PHE A 15 -3.06 7.79 3.03
C PHE A 15 -1.67 8.37 3.29
N GLY A 16 -0.99 8.74 2.22
CA GLY A 16 0.31 9.39 2.31
C GLY A 16 1.44 8.43 2.55
N ARG A 17 1.52 7.94 3.75
CA ARG A 17 2.57 7.02 4.18
C ARG A 17 1.92 5.91 4.95
N CYS A 18 2.70 4.97 5.40
CA CYS A 18 2.16 3.90 6.20
C CYS A 18 2.83 3.93 7.56
N GLN A 19 2.53 3.00 8.41
CA GLN A 19 3.13 2.94 9.71
C GLN A 19 4.42 2.14 9.66
N PHE A 20 5.20 2.23 10.71
CA PHE A 20 6.50 1.60 10.79
C PHE A 20 6.40 0.12 11.11
N ALA A 21 5.24 -0.29 11.57
CA ALA A 21 4.99 -1.71 11.84
C ALA A 21 4.61 -2.43 10.55
N GLU A 22 4.44 -1.66 9.50
CA GLU A 22 4.02 -2.17 8.21
C GLU A 22 5.08 -1.79 7.17
N ARG A 23 4.98 -2.32 5.97
CA ARG A 23 5.98 -2.07 4.94
C ARG A 23 5.33 -1.61 3.65
N GLN A 24 6.06 -0.92 2.85
CA GLN A 24 5.57 -0.47 1.57
C GLN A 24 5.87 -1.53 0.54
N ILE A 25 4.85 -2.01 -0.11
CA ILE A 25 5.01 -3.04 -1.12
C ILE A 25 4.81 -2.48 -2.53
N GLY A 26 4.33 -1.26 -2.60
CA GLY A 26 4.13 -0.62 -3.89
C GLY A 26 3.45 0.71 -3.72
N ARG A 27 2.86 1.22 -4.77
CA ARG A 27 2.14 2.48 -4.72
C ARG A 27 0.81 2.33 -5.44
N CYS A 28 -0.27 2.70 -4.79
CA CYS A 28 -1.62 2.57 -5.35
C CYS A 28 -1.95 3.76 -6.21
N SER A 29 -1.06 4.74 -6.16
CA SER A 29 -1.20 6.03 -6.81
C SER A 29 -2.26 6.84 -6.05
N ALA A 30 -2.59 8.03 -6.53
CA ALA A 30 -3.61 8.88 -5.90
C ALA A 30 -3.19 9.29 -4.48
N PHE A 31 -1.86 9.44 -4.30
CA PHE A 31 -1.24 9.87 -3.03
C PHE A 31 -1.33 8.77 -1.97
N GLN A 32 -1.55 7.55 -2.42
CA GLN A 32 -1.72 6.41 -1.56
C GLN A 32 -0.71 5.31 -1.90
N PRO A 33 0.15 4.92 -0.96
CA PRO A 33 1.07 3.82 -1.16
C PRO A 33 0.44 2.46 -0.81
N CYS A 34 0.96 1.40 -1.41
CA CYS A 34 0.52 0.06 -1.12
C CYS A 34 1.31 -0.40 0.07
N CYS A 35 0.65 -0.53 1.17
CA CYS A 35 1.30 -0.92 2.36
C CYS A 35 0.88 -2.31 2.76
N GLY A 36 1.85 -3.16 2.98
CA GLY A 36 1.63 -4.52 3.36
C GLY A 36 2.00 -4.72 4.80
N ARG A 37 1.54 -5.76 5.40
CA ARG A 37 1.75 -5.98 6.80
C ARG A 37 2.13 -7.44 7.06
N GLY A 1 1.26 2.11 -9.64
CA GLY A 1 1.31 0.73 -10.13
C GLY A 1 1.26 -0.23 -8.99
N ASN A 2 1.38 -1.53 -9.31
CA ASN A 2 1.35 -2.64 -8.31
C ASN A 2 0.00 -2.74 -7.62
N SER A 3 -0.99 -2.11 -8.20
CA SER A 3 -2.32 -2.01 -7.61
C SER A 3 -2.99 -3.38 -7.46
N TRP A 4 -2.62 -4.32 -8.31
CA TRP A 4 -3.17 -5.66 -8.23
C TRP A 4 -2.57 -6.40 -7.04
N LEU A 5 -1.30 -6.12 -6.78
CA LEU A 5 -0.55 -6.77 -5.70
C LEU A 5 -1.10 -6.35 -4.35
N CYS A 6 -1.64 -5.13 -4.31
CA CYS A 6 -2.20 -4.56 -3.09
C CYS A 6 -3.24 -5.51 -2.47
N VAL A 7 -4.23 -5.89 -3.26
CA VAL A 7 -5.30 -6.74 -2.78
C VAL A 7 -4.84 -8.21 -2.78
N ARG A 8 -3.91 -8.53 -3.68
CA ARG A 8 -3.39 -9.89 -3.84
C ARG A 8 -2.62 -10.33 -2.59
N ARG A 9 -1.88 -9.41 -2.01
CA ARG A 9 -1.10 -9.70 -0.82
C ARG A 9 -1.88 -9.37 0.44
N GLY A 10 -2.82 -8.46 0.34
CA GLY A 10 -3.61 -8.08 1.48
C GLY A 10 -3.07 -6.85 2.15
N GLY A 11 -3.01 -5.78 1.41
CA GLY A 11 -2.56 -4.52 1.93
C GLY A 11 -3.62 -3.48 1.72
N ASN A 12 -3.48 -2.36 2.37
CA ASN A 12 -4.46 -1.29 2.28
C ASN A 12 -3.82 0.01 1.88
N CYS A 13 -4.64 0.97 1.58
CA CYS A 13 -4.18 2.25 1.13
C CYS A 13 -3.91 3.14 2.32
N ARG A 14 -2.71 3.64 2.41
CA ARG A 14 -2.36 4.56 3.47
C ARG A 14 -2.37 5.96 2.91
N PHE A 15 -2.73 6.92 3.69
CA PHE A 15 -2.74 8.27 3.23
C PHE A 15 -1.39 8.91 3.54
N GLY A 16 -0.61 9.16 2.52
CA GLY A 16 0.69 9.78 2.67
C GLY A 16 1.76 8.80 3.15
N ARG A 17 1.70 8.47 4.42
CA ARG A 17 2.69 7.62 5.07
C ARG A 17 2.05 6.36 5.64
N CYS A 18 2.88 5.42 6.04
CA CYS A 18 2.42 4.17 6.58
C CYS A 18 3.06 3.95 7.97
N GLN A 19 2.87 2.78 8.55
CA GLN A 19 3.43 2.45 9.84
C GLN A 19 4.84 1.87 9.69
N PHE A 20 5.58 1.77 10.80
CA PHE A 20 6.97 1.36 10.81
C PHE A 20 7.17 -0.05 10.26
N ALA A 21 6.33 -0.96 10.65
CA ALA A 21 6.50 -2.36 10.28
C ALA A 21 5.83 -2.71 8.96
N GLU A 22 5.15 -1.77 8.36
CA GLU A 22 4.43 -2.07 7.13
C GLU A 22 5.26 -1.74 5.90
N ARG A 23 5.06 -2.50 4.84
CA ARG A 23 5.80 -2.30 3.62
C ARG A 23 4.90 -1.82 2.50
N GLN A 24 5.41 -0.93 1.70
CA GLN A 24 4.70 -0.40 0.57
C GLN A 24 4.83 -1.40 -0.56
N ILE A 25 3.74 -1.99 -0.94
CA ILE A 25 3.73 -3.00 -1.97
C ILE A 25 3.21 -2.46 -3.28
N GLY A 26 2.60 -1.30 -3.24
CA GLY A 26 2.10 -0.71 -4.45
C GLY A 26 1.54 0.64 -4.21
N ARG A 27 0.74 1.14 -5.12
CA ARG A 27 0.09 2.43 -4.97
C ARG A 27 -1.36 2.35 -5.40
N CYS A 28 -2.23 2.84 -4.55
CA CYS A 28 -3.65 2.87 -4.81
C CYS A 28 -3.96 4.11 -5.62
N SER A 29 -3.41 5.22 -5.17
CA SER A 29 -3.63 6.50 -5.76
C SER A 29 -2.35 7.30 -5.64
N ALA A 30 -2.38 8.55 -6.08
CA ALA A 30 -1.21 9.42 -6.10
C ALA A 30 -0.50 9.49 -4.75
N PHE A 31 -1.23 9.85 -3.73
CA PHE A 31 -0.65 9.97 -2.40
C PHE A 31 -1.15 8.87 -1.48
N GLN A 32 -1.60 7.79 -2.06
CA GLN A 32 -2.08 6.66 -1.28
C GLN A 32 -1.35 5.40 -1.69
N PRO A 33 -0.25 5.05 -1.01
CA PRO A 33 0.45 3.82 -1.30
C PRO A 33 -0.22 2.59 -0.67
N CYS A 34 -0.08 1.47 -1.32
CA CYS A 34 -0.58 0.22 -0.81
C CYS A 34 0.43 -0.27 0.14
N CYS A 35 0.07 -0.35 1.36
CA CYS A 35 0.98 -0.74 2.37
C CYS A 35 0.34 -1.85 3.18
N GLY A 36 1.14 -2.82 3.59
CA GLY A 36 0.60 -3.92 4.34
C GLY A 36 1.66 -4.68 5.08
N ARG A 37 1.21 -5.46 6.06
CA ARG A 37 2.02 -6.30 6.91
C ARG A 37 1.08 -6.98 7.87
#